data_3FVL
#
_entry.id   3FVL
#
_cell.length_a   73.347
_cell.length_b   59.786
_cell.length_c   99.360
_cell.angle_alpha   90.00
_cell.angle_beta   103.94
_cell.angle_gamma   90.00
#
_symmetry.space_group_name_H-M   'P 1 21 1'
#
loop_
_entity.id
_entity.type
_entity.pdbx_description
1 polymer 'Carboxypeptidase A1'
2 non-polymer 'ZINC ION'
3 non-polymer '(2R)-2-benzyl-5-hydroxy-4-oxopentanoic acid'
4 water water
#
_entity_poly.entity_id   1
_entity_poly.type   'polypeptide(L)'
_entity_poly.pdbx_seq_one_letter_code
;ARSTNTFNYATYHTLDEIYDFMDLLVAEHPQLVSKLQIGRSYEGRPIYVLKFSTGGSNRPAIWIDLGIHSREWITQATGV
WFAKKFTEDYGQDPSFTAILDSMDIFLEIVTNPDGFAFTHSQNRLWRKTRSVTSSSLCVGVDANRNWDAGFGKAGASSSP
CSETYHGKYANSEVEVKSIVDFVKDHGNFKAFLSIHSYSQLLLYPYGYTTQSIPDKTELNQVAKSAVEALKSLYGTSYKY
GSIITTIYQASGGSIDWSYNQGIKYSFTFELRDTGRYGFLLPASQIIPTAQETWLGVLTIMEHTVNN
;
_entity_poly.pdbx_strand_id   A,C,E
#
loop_
_chem_comp.id
_chem_comp.type
_chem_comp.name
_chem_comp.formula
BHK non-polymer '(2R)-2-benzyl-5-hydroxy-4-oxopentanoic acid' 'C12 H14 O4'
ZN non-polymer 'ZINC ION' 'Zn 2'
#
# COMPACT_ATOMS: atom_id res chain seq x y z
N ALA A 1 -12.01 -2.30 9.31
CA ALA A 1 -13.06 -3.18 9.91
C ALA A 1 -12.96 -3.19 11.43
N ARG A 2 -14.03 -2.76 12.10
CA ARG A 2 -14.07 -2.72 13.56
C ARG A 2 -14.72 -3.98 14.11
N SER A 3 -14.95 -4.95 13.23
CA SER A 3 -15.57 -6.20 13.60
C SER A 3 -15.28 -7.22 12.51
N THR A 4 -15.18 -8.49 12.86
CA THR A 4 -14.92 -9.50 11.85
C THR A 4 -16.12 -9.58 10.92
N ASN A 5 -17.19 -8.88 11.28
CA ASN A 5 -18.41 -8.86 10.48
C ASN A 5 -18.38 -7.73 9.46
N THR A 6 -17.37 -6.86 9.57
CA THR A 6 -17.23 -5.76 8.62
C THR A 6 -15.95 -5.96 7.80
N PHE A 7 -15.22 -7.01 8.14
CA PHE A 7 -13.99 -7.36 7.44
C PHE A 7 -14.38 -7.83 6.05
N ASN A 8 -13.67 -7.37 5.03
CA ASN A 8 -13.96 -7.77 3.65
C ASN A 8 -13.23 -9.06 3.30
N TYR A 9 -13.93 -10.19 3.34
CA TYR A 9 -13.31 -11.48 3.04
C TYR A 9 -13.09 -11.69 1.55
N ALA A 10 -13.68 -10.83 0.73
CA ALA A 10 -13.57 -10.94 -0.72
C ALA A 10 -12.47 -10.06 -1.32
N THR A 11 -11.55 -9.61 -0.48
CA THR A 11 -10.44 -8.80 -0.96
C THR A 11 -9.16 -9.22 -0.26
N TYR A 12 -8.02 -8.96 -0.90
CA TYR A 12 -6.73 -9.30 -0.32
C TYR A 12 -6.31 -8.22 0.67
N HIS A 13 -5.68 -8.63 1.76
CA HIS A 13 -5.27 -7.72 2.80
C HIS A 13 -3.77 -7.68 3.08
N THR A 14 -3.38 -6.71 3.89
CA THR A 14 -1.99 -6.51 4.28
C THR A 14 -1.72 -7.26 5.59
N LEU A 15 -0.45 -7.35 5.97
CA LEU A 15 -0.11 -8.04 7.21
C LEU A 15 -0.80 -7.38 8.40
N ASP A 16 -0.76 -6.05 8.45
CA ASP A 16 -1.40 -5.32 9.55
C ASP A 16 -2.89 -5.61 9.65
N GLU A 17 -3.58 -5.63 8.52
CA GLU A 17 -5.02 -5.89 8.50
C GLU A 17 -5.34 -7.29 8.98
N ILE A 18 -4.50 -8.26 8.62
CA ILE A 18 -4.72 -9.64 9.05
C ILE A 18 -4.43 -9.78 10.54
N TYR A 19 -3.35 -9.15 11.02
CA TYR A 19 -3.02 -9.23 12.44
C TYR A 19 -4.12 -8.55 13.26
N ASP A 20 -4.72 -7.49 12.71
CA ASP A 20 -5.79 -6.81 13.41
C ASP A 20 -7.01 -7.74 13.44
N PHE A 21 -7.24 -8.42 12.32
CA PHE A 21 -8.35 -9.37 12.21
C PHE A 21 -8.24 -10.38 13.34
N MET A 22 -7.02 -10.84 13.62
CA MET A 22 -6.79 -11.82 14.68
C MET A 22 -7.31 -11.36 16.04
N ASP A 23 -6.96 -10.14 16.42
CA ASP A 23 -7.39 -9.61 17.71
C ASP A 23 -8.91 -9.42 17.78
N LEU A 24 -9.51 -9.02 16.67
CA LEU A 24 -10.96 -8.82 16.61
C LEU A 24 -11.68 -10.15 16.88
N LEU A 25 -11.21 -11.21 16.23
CA LEU A 25 -11.80 -12.52 16.37
C LEU A 25 -11.70 -13.03 17.80
N VAL A 26 -10.53 -12.83 18.40
CA VAL A 26 -10.28 -13.26 19.77
C VAL A 26 -11.17 -12.47 20.73
N ALA A 27 -11.29 -11.17 20.49
CA ALA A 27 -12.12 -10.32 21.33
C ALA A 27 -13.59 -10.75 21.25
N GLU A 28 -14.02 -11.08 20.03
CA GLU A 28 -15.39 -11.50 19.76
C GLU A 28 -15.72 -12.93 20.21
N HIS A 29 -14.71 -13.79 20.26
CA HIS A 29 -14.91 -15.19 20.64
C HIS A 29 -13.85 -15.66 21.63
N PRO A 30 -13.74 -14.98 22.78
CA PRO A 30 -12.77 -15.29 23.84
C PRO A 30 -12.76 -16.71 24.42
N GLN A 31 -13.92 -17.36 24.42
CA GLN A 31 -13.99 -18.71 24.97
C GLN A 31 -13.64 -19.78 23.94
N LEU A 32 -13.34 -19.33 22.72
CA LEU A 32 -13.03 -20.26 21.64
C LEU A 32 -11.68 -20.05 20.97
N VAL A 33 -11.31 -18.79 20.75
CA VAL A 33 -10.07 -18.49 20.06
C VAL A 33 -9.06 -17.67 20.86
N SER A 34 -7.78 -18.02 20.73
CA SER A 34 -6.72 -17.30 21.40
C SER A 34 -5.56 -17.10 20.43
N LYS A 35 -4.78 -16.05 20.64
CA LYS A 35 -3.65 -15.77 19.76
C LYS A 35 -2.34 -16.08 20.46
N LEU A 36 -1.57 -16.98 19.85
CA LEU A 36 -0.29 -17.40 20.39
C LEU A 36 0.86 -16.89 19.54
N GLN A 37 1.91 -16.39 20.17
CA GLN A 37 3.08 -15.95 19.40
C GLN A 37 4.08 -17.09 19.55
N ILE A 38 4.39 -17.77 18.45
CA ILE A 38 5.33 -18.89 18.51
C ILE A 38 6.77 -18.53 18.19
N GLY A 39 7.04 -17.25 17.95
CA GLY A 39 8.40 -16.82 17.65
C GLY A 39 8.41 -15.48 16.95
N ARG A 40 9.57 -15.10 16.43
CA ARG A 40 9.73 -13.85 15.70
C ARG A 40 10.39 -14.17 14.37
N SER A 41 9.94 -13.51 13.30
CA SER A 41 10.50 -13.75 11.99
C SER A 41 11.93 -13.20 11.93
N TYR A 42 12.61 -13.44 10.82
CA TYR A 42 13.97 -12.96 10.67
C TYR A 42 14.04 -11.47 10.92
N GLU A 43 13.05 -10.73 10.42
CA GLU A 43 13.03 -9.29 10.59
C GLU A 43 12.33 -8.83 11.87
N GLY A 44 12.19 -9.75 12.82
CA GLY A 44 11.58 -9.42 14.10
C GLY A 44 10.07 -9.33 14.23
N ARG A 45 9.33 -9.65 13.17
CA ARG A 45 7.89 -9.58 13.27
C ARG A 45 7.35 -10.75 14.07
N PRO A 46 6.30 -10.52 14.85
CA PRO A 46 5.74 -11.63 15.63
C PRO A 46 5.13 -12.68 14.70
N ILE A 47 5.28 -13.94 15.07
CA ILE A 47 4.72 -15.04 14.29
C ILE A 47 3.51 -15.52 15.11
N TYR A 48 2.32 -15.36 14.55
CA TYR A 48 1.09 -15.72 15.25
C TYR A 48 0.34 -16.96 14.79
N VAL A 49 -0.15 -17.71 15.78
CA VAL A 49 -0.95 -18.91 15.55
C VAL A 49 -2.24 -18.72 16.33
N LEU A 50 -3.37 -18.93 15.68
CA LEU A 50 -4.65 -18.82 16.34
C LEU A 50 -5.02 -20.21 16.83
N LYS A 51 -5.34 -20.31 18.11
CA LYS A 51 -5.72 -21.59 18.69
C LYS A 51 -7.21 -21.65 18.92
N PHE A 52 -7.86 -22.65 18.32
CA PHE A 52 -9.29 -22.83 18.49
C PHE A 52 -9.46 -24.03 19.42
N SER A 53 -10.09 -23.80 20.56
CA SER A 53 -10.28 -24.85 21.53
C SER A 53 -11.50 -24.60 22.41
N THR A 54 -12.19 -25.66 22.79
CA THR A 54 -13.36 -25.52 23.65
C THR A 54 -13.02 -25.98 25.06
N GLY A 55 -11.75 -26.23 25.30
CA GLY A 55 -11.31 -26.66 26.62
C GLY A 55 -10.35 -27.84 26.61
N GLY A 56 -10.32 -28.56 27.71
CA GLY A 56 -9.44 -29.71 27.83
C GLY A 56 -7.99 -29.30 27.99
N SER A 57 -7.12 -30.29 28.16
CA SER A 57 -5.70 -30.01 28.33
C SER A 57 -4.93 -30.71 27.20
N ASN A 58 -4.39 -29.90 26.29
CA ASN A 58 -3.64 -30.39 25.13
C ASN A 58 -4.37 -31.55 24.46
N ARG A 59 -5.58 -31.25 24.00
CA ARG A 59 -6.42 -32.22 23.31
C ARG A 59 -5.81 -32.52 21.94
N PRO A 60 -6.15 -33.68 21.36
CA PRO A 60 -5.61 -34.04 20.04
C PRO A 60 -5.78 -32.81 19.17
N ALA A 61 -4.79 -32.50 18.35
CA ALA A 61 -4.87 -31.29 17.55
C ALA A 61 -4.65 -31.42 16.05
N ILE A 62 -5.06 -30.37 15.36
CA ILE A 62 -4.93 -30.27 13.91
C ILE A 62 -4.13 -29.01 13.62
N TRP A 63 -3.06 -29.16 12.87
CA TRP A 63 -2.22 -28.02 12.50
C TRP A 63 -2.50 -27.62 11.06
N ILE A 64 -2.63 -26.32 10.84
CA ILE A 64 -2.87 -25.82 9.48
C ILE A 64 -2.04 -24.57 9.27
N ASP A 65 -1.07 -24.66 8.36
CA ASP A 65 -0.22 -23.52 8.08
C ASP A 65 -0.50 -23.02 6.67
N LEU A 66 -0.53 -21.71 6.51
CA LEU A 66 -0.80 -21.11 5.21
C LEU A 66 0.23 -20.00 4.96
N GLY A 67 0.44 -19.67 3.70
CA GLY A 67 1.37 -18.61 3.36
C GLY A 67 2.85 -18.80 3.65
N ILE A 68 3.35 -20.03 3.60
CA ILE A 68 4.76 -20.24 3.85
C ILE A 68 5.51 -19.63 2.66
N HIS A 69 4.86 -19.64 1.50
CA HIS A 69 5.38 -19.04 0.27
C HIS A 69 4.56 -17.77 0.14
N SER A 70 5.18 -16.64 0.44
CA SER A 70 4.50 -15.34 0.45
C SER A 70 3.62 -14.92 -0.71
N ARG A 71 4.04 -15.19 -1.95
CA ARG A 71 3.25 -14.79 -3.12
C ARG A 71 1.95 -15.57 -3.32
N GLU A 72 1.79 -16.67 -2.61
CA GLU A 72 0.58 -17.49 -2.73
C GLU A 72 -0.58 -16.89 -1.92
N TRP A 73 -0.93 -15.65 -2.27
CA TRP A 73 -1.95 -14.85 -1.61
C TRP A 73 -3.30 -15.50 -1.32
N ILE A 74 -3.74 -16.40 -2.20
CA ILE A 74 -5.02 -17.05 -1.98
C ILE A 74 -5.02 -17.84 -0.67
N THR A 75 -3.84 -18.29 -0.24
CA THR A 75 -3.75 -19.05 1.00
C THR A 75 -3.96 -18.20 2.25
N GLN A 76 -3.30 -17.04 2.36
CA GLN A 76 -3.52 -16.21 3.54
C GLN A 76 -4.97 -15.75 3.57
N ALA A 77 -5.51 -15.43 2.40
CA ALA A 77 -6.90 -14.98 2.30
C ALA A 77 -7.84 -16.11 2.75
N THR A 78 -7.49 -17.34 2.39
CA THR A 78 -8.30 -18.49 2.77
C THR A 78 -8.15 -18.76 4.26
N GLY A 79 -6.95 -18.50 4.79
CA GLY A 79 -6.71 -18.70 6.22
C GLY A 79 -7.59 -17.79 7.05
N VAL A 80 -7.73 -16.55 6.60
CA VAL A 80 -8.57 -15.57 7.31
C VAL A 80 -10.02 -16.06 7.29
N TRP A 81 -10.46 -16.53 6.13
CA TRP A 81 -11.82 -17.03 5.97
C TRP A 81 -12.02 -18.25 6.87
N PHE A 82 -11.03 -19.14 6.89
CA PHE A 82 -11.09 -20.34 7.74
C PHE A 82 -11.32 -19.93 9.19
N ALA A 83 -10.53 -18.97 9.66
CA ALA A 83 -10.63 -18.48 11.04
C ALA A 83 -12.06 -18.05 11.38
N LYS A 84 -12.65 -17.26 10.50
CA LYS A 84 -14.01 -16.77 10.72
C LYS A 84 -15.01 -17.92 10.66
N LYS A 85 -14.84 -18.81 9.69
CA LYS A 85 -15.73 -19.96 9.51
C LYS A 85 -15.76 -20.85 10.75
N PHE A 86 -14.62 -21.04 11.41
CA PHE A 86 -14.59 -21.88 12.59
C PHE A 86 -15.54 -21.31 13.67
N THR A 87 -15.50 -20.00 13.83
CA THR A 87 -16.34 -19.34 14.84
C THR A 87 -17.81 -19.31 14.45
N GLU A 88 -18.10 -19.35 13.16
CA GLU A 88 -19.47 -19.34 12.69
C GLU A 88 -20.12 -20.72 12.77
N ASP A 89 -19.36 -21.75 12.39
CA ASP A 89 -19.90 -23.11 12.39
C ASP A 89 -19.87 -23.87 13.70
N TYR A 90 -19.05 -23.45 14.66
CA TYR A 90 -19.06 -24.17 15.94
C TYR A 90 -20.40 -23.90 16.60
N GLY A 91 -21.17 -24.95 16.83
CA GLY A 91 -22.48 -24.79 17.44
C GLY A 91 -23.56 -24.64 16.39
N GLN A 92 -23.17 -24.75 15.12
CA GLN A 92 -24.10 -24.64 14.00
C GLN A 92 -24.03 -25.92 13.17
N ASP A 93 -22.84 -26.28 12.71
CA ASP A 93 -22.66 -27.50 11.94
C ASP A 93 -22.35 -28.65 12.88
N PRO A 94 -23.19 -29.68 12.90
CA PRO A 94 -23.00 -30.85 13.77
C PRO A 94 -21.61 -31.47 13.69
N SER A 95 -21.12 -31.72 12.48
CA SER A 95 -19.81 -32.33 12.30
C SER A 95 -18.65 -31.52 12.84
N PHE A 96 -18.58 -30.25 12.44
CA PHE A 96 -17.48 -29.40 12.90
C PHE A 96 -17.59 -29.17 14.40
N THR A 97 -18.81 -29.09 14.92
CA THR A 97 -18.99 -28.89 16.35
C THR A 97 -18.44 -30.08 17.11
N ALA A 98 -18.64 -31.27 16.55
CA ALA A 98 -18.18 -32.50 17.16
C ALA A 98 -16.65 -32.52 17.21
N ILE A 99 -16.04 -32.05 16.13
CA ILE A 99 -14.59 -32.01 16.03
C ILE A 99 -14.00 -31.08 17.10
N LEU A 100 -14.51 -29.85 17.16
CA LEU A 100 -14.00 -28.88 18.12
C LEU A 100 -14.31 -29.21 19.57
N ASP A 101 -15.32 -30.06 19.80
CA ASP A 101 -15.65 -30.45 21.17
C ASP A 101 -14.66 -31.49 21.71
N SER A 102 -13.86 -32.07 20.81
CA SER A 102 -12.89 -33.08 21.23
C SER A 102 -11.45 -32.81 20.79
N MET A 103 -11.28 -31.88 19.85
CA MET A 103 -9.95 -31.55 19.32
C MET A 103 -9.71 -30.05 19.23
N ASP A 104 -8.44 -29.66 19.19
CA ASP A 104 -8.06 -28.26 19.06
C ASP A 104 -7.54 -28.05 17.64
N ILE A 105 -7.65 -26.83 17.15
CA ILE A 105 -7.14 -26.51 15.82
C ILE A 105 -6.16 -25.34 15.97
N PHE A 106 -4.99 -25.48 15.38
CA PHE A 106 -3.99 -24.41 15.43
C PHE A 106 -3.81 -23.91 14.02
N LEU A 107 -4.14 -22.64 13.80
CA LEU A 107 -4.09 -22.03 12.47
C LEU A 107 -3.06 -20.92 12.33
N GLU A 108 -2.07 -21.13 11.46
CA GLU A 108 -1.07 -20.09 11.20
C GLU A 108 -1.38 -19.52 9.82
N ILE A 109 -2.00 -18.35 9.80
CA ILE A 109 -2.39 -17.67 8.57
C ILE A 109 -1.23 -17.13 7.73
N VAL A 110 -0.23 -16.55 8.38
CA VAL A 110 0.90 -15.98 7.68
C VAL A 110 2.19 -16.59 8.24
N THR A 111 2.56 -17.74 7.70
CA THR A 111 3.74 -18.45 8.14
C THR A 111 5.06 -17.74 7.80
N ASN A 112 5.04 -16.91 6.75
CA ASN A 112 6.22 -16.18 6.28
C ASN A 112 5.82 -14.70 6.22
N PRO A 113 5.72 -14.03 7.37
CA PRO A 113 5.33 -12.61 7.36
C PRO A 113 6.28 -11.62 6.70
N ASP A 114 7.58 -11.85 6.75
CA ASP A 114 8.52 -10.93 6.12
C ASP A 114 8.33 -10.95 4.61
N GLY A 115 8.17 -12.15 4.07
CA GLY A 115 7.96 -12.27 2.64
C GLY A 115 6.60 -11.67 2.27
N PHE A 116 5.61 -11.85 3.13
CA PHE A 116 4.29 -11.32 2.85
C PHE A 116 4.35 -9.80 2.77
N ALA A 117 5.01 -9.18 3.75
CA ALA A 117 5.15 -7.73 3.75
C ALA A 117 5.82 -7.32 2.45
N PHE A 118 6.84 -8.08 2.05
CA PHE A 118 7.60 -7.80 0.84
C PHE A 118 6.75 -7.91 -0.44
N THR A 119 5.78 -8.82 -0.47
CA THR A 119 4.96 -8.97 -1.66
C THR A 119 4.05 -7.75 -1.82
N HIS A 120 3.81 -7.05 -0.72
CA HIS A 120 2.97 -5.86 -0.72
C HIS A 120 3.78 -4.60 -1.00
N SER A 121 5.04 -4.63 -0.59
CA SER A 121 5.94 -3.49 -0.71
C SER A 121 6.83 -3.37 -1.93
N GLN A 122 7.48 -4.47 -2.31
CA GLN A 122 8.43 -4.44 -3.41
C GLN A 122 8.25 -5.43 -4.55
N ASN A 123 7.81 -6.64 -4.22
CA ASN A 123 7.71 -7.67 -5.23
C ASN A 123 6.54 -8.62 -4.96
N ARG A 124 5.47 -8.46 -5.74
CA ARG A 124 4.28 -9.29 -5.59
C ARG A 124 4.53 -10.79 -5.76
N LEU A 125 5.55 -11.15 -6.52
CA LEU A 125 5.84 -12.57 -6.73
C LEU A 125 6.96 -13.15 -5.88
N TRP A 126 7.36 -12.45 -4.82
CA TRP A 126 8.42 -12.96 -3.96
C TRP A 126 7.86 -14.17 -3.21
N ARG A 127 8.67 -15.22 -3.07
CA ARG A 127 8.19 -16.44 -2.41
C ARG A 127 8.98 -16.92 -1.19
N LYS A 128 10.26 -16.58 -1.15
CA LYS A 128 11.11 -17.02 -0.06
C LYS A 128 11.00 -16.16 1.19
N THR A 129 11.83 -16.47 2.18
CA THR A 129 11.86 -15.69 3.41
C THR A 129 12.71 -14.47 3.05
N ARG A 130 13.10 -13.70 4.06
CA ARG A 130 13.91 -12.50 3.81
C ARG A 130 15.20 -12.53 4.59
N SER A 131 15.67 -13.73 4.94
CA SER A 131 16.90 -13.86 5.70
C SER A 131 18.13 -13.53 4.86
N VAL A 132 19.12 -12.91 5.50
CA VAL A 132 20.37 -12.53 4.86
C VAL A 132 21.44 -13.37 5.56
N THR A 133 22.43 -13.83 4.80
CA THR A 133 23.45 -14.69 5.38
C THR A 133 24.84 -14.66 4.75
N SER A 134 25.81 -15.11 5.55
CA SER A 134 27.22 -15.21 5.18
C SER A 134 27.67 -14.30 4.04
N SER A 135 28.21 -14.92 3.00
CA SER A 135 28.71 -14.18 1.85
C SER A 135 27.86 -14.49 0.61
N SER A 136 26.80 -13.70 0.44
CA SER A 136 25.90 -13.87 -0.69
C SER A 136 24.99 -12.65 -0.79
N LEU A 137 24.97 -12.03 -1.96
CA LEU A 137 24.15 -10.84 -2.18
C LEU A 137 22.67 -11.16 -2.11
N CYS A 138 22.28 -12.31 -2.68
CA CYS A 138 20.89 -12.72 -2.71
C CYS A 138 20.28 -12.90 -1.31
N VAL A 139 18.96 -12.90 -1.24
CA VAL A 139 18.25 -13.02 0.02
C VAL A 139 17.15 -14.06 0.03
N GLY A 140 16.84 -14.57 1.22
CA GLY A 140 15.76 -15.52 1.38
C GLY A 140 15.99 -16.98 1.06
N VAL A 141 15.18 -17.81 1.73
CA VAL A 141 15.22 -19.26 1.58
C VAL A 141 13.81 -19.75 1.28
N ASP A 142 13.71 -20.85 0.54
CA ASP A 142 12.40 -21.44 0.26
C ASP A 142 12.10 -22.18 1.56
N ALA A 143 11.30 -21.59 2.44
CA ALA A 143 10.99 -22.21 3.72
C ALA A 143 10.40 -23.61 3.61
N ASN A 144 9.78 -23.95 2.48
CA ASN A 144 9.22 -25.29 2.37
C ASN A 144 10.20 -26.31 1.80
N ARG A 145 11.49 -25.98 1.85
CA ARG A 145 12.55 -26.90 1.40
C ARG A 145 13.62 -26.87 2.48
N ASN A 146 13.28 -26.21 3.59
CA ASN A 146 14.18 -26.02 4.73
C ASN A 146 13.93 -26.97 5.91
N TRP A 147 12.89 -27.80 5.82
CA TRP A 147 12.56 -28.73 6.90
C TRP A 147 13.50 -29.93 6.96
N ASP A 148 13.60 -30.53 8.15
CA ASP A 148 14.49 -31.66 8.36
C ASP A 148 13.85 -32.98 7.94
N ALA A 149 13.70 -33.15 6.64
CA ALA A 149 13.13 -34.36 6.04
C ALA A 149 13.78 -34.43 4.67
N GLY A 150 14.88 -35.20 4.59
CA GLY A 150 15.60 -35.33 3.32
C GLY A 150 16.23 -33.99 2.96
N PHE A 151 16.54 -33.19 3.97
CA PHE A 151 17.12 -31.88 3.74
C PHE A 151 18.36 -31.90 2.85
N GLY A 152 18.40 -31.00 1.89
CA GLY A 152 19.55 -30.91 1.01
C GLY A 152 19.64 -31.92 -0.12
N LYS A 153 18.72 -32.88 -0.15
CA LYS A 153 18.73 -33.89 -1.21
C LYS A 153 18.10 -33.34 -2.47
N ALA A 154 18.22 -34.09 -3.57
CA ALA A 154 17.65 -33.67 -4.85
C ALA A 154 16.21 -33.23 -4.64
N GLY A 155 15.82 -32.14 -5.31
CA GLY A 155 14.46 -31.62 -5.15
C GLY A 155 14.51 -30.27 -4.47
N ALA A 156 15.72 -29.72 -4.36
CA ALA A 156 15.95 -28.42 -3.73
C ALA A 156 17.26 -27.88 -4.28
N SER A 157 17.47 -26.57 -4.20
CA SER A 157 18.69 -25.96 -4.72
C SER A 157 19.65 -25.52 -3.63
N SER A 158 20.95 -25.61 -3.89
CA SER A 158 21.97 -25.20 -2.92
C SER A 158 22.49 -23.80 -3.22
N SER A 159 21.94 -23.16 -4.25
CA SER A 159 22.35 -21.81 -4.63
C SER A 159 21.50 -20.78 -3.88
N PRO A 160 22.13 -19.91 -3.09
CA PRO A 160 21.41 -18.88 -2.34
C PRO A 160 20.51 -18.01 -3.20
N CYS A 161 20.86 -17.88 -4.47
CA CYS A 161 20.09 -17.05 -5.40
C CYS A 161 18.93 -17.77 -6.05
N SER A 162 18.84 -19.08 -5.86
CA SER A 162 17.76 -19.87 -6.44
C SER A 162 16.42 -19.61 -5.75
N GLU A 163 15.34 -19.68 -6.51
CA GLU A 163 14.01 -19.48 -5.97
C GLU A 163 13.61 -20.68 -5.09
N THR A 164 14.36 -21.77 -5.20
CA THR A 164 14.10 -22.97 -4.41
C THR A 164 15.29 -23.31 -3.52
N TYR A 165 16.04 -22.29 -3.12
CA TYR A 165 17.18 -22.46 -2.23
C TYR A 165 16.69 -23.05 -0.92
N HIS A 166 17.34 -24.13 -0.47
CA HIS A 166 16.93 -24.78 0.77
C HIS A 166 17.52 -24.21 2.06
N GLY A 167 18.48 -23.30 1.96
CA GLY A 167 19.07 -22.73 3.15
C GLY A 167 20.35 -23.45 3.55
N LYS A 168 21.09 -22.87 4.50
CA LYS A 168 22.36 -23.45 4.94
C LYS A 168 22.21 -24.82 5.57
N TYR A 169 21.23 -24.97 6.46
CA TYR A 169 21.00 -26.25 7.12
C TYR A 169 19.53 -26.39 7.51
N ALA A 170 19.12 -27.61 7.85
CA ALA A 170 17.73 -27.88 8.23
C ALA A 170 17.26 -27.03 9.39
N ASN A 171 16.09 -26.40 9.23
CA ASN A 171 15.51 -25.56 10.27
C ASN A 171 16.29 -24.25 10.49
N SER A 172 17.07 -23.84 9.50
CA SER A 172 17.85 -22.61 9.62
C SER A 172 16.95 -21.39 9.66
N GLU A 173 15.78 -21.49 9.02
CA GLU A 173 14.84 -20.38 9.00
C GLU A 173 13.98 -20.41 10.25
N VAL A 174 13.99 -19.31 10.99
CA VAL A 174 13.23 -19.23 12.23
C VAL A 174 11.74 -19.47 12.02
N GLU A 175 11.25 -19.14 10.83
CA GLU A 175 9.83 -19.34 10.54
C GLU A 175 9.51 -20.83 10.57
N VAL A 176 10.48 -21.66 10.19
CA VAL A 176 10.31 -23.10 10.18
C VAL A 176 10.58 -23.69 11.56
N LYS A 177 11.69 -23.29 12.16
CA LYS A 177 12.06 -23.79 13.48
C LYS A 177 10.98 -23.49 14.51
N SER A 178 10.34 -22.32 14.40
CA SER A 178 9.28 -21.96 15.35
C SER A 178 8.13 -22.96 15.32
N ILE A 179 7.81 -23.46 14.13
CA ILE A 179 6.73 -24.43 13.98
C ILE A 179 7.19 -25.78 14.52
N VAL A 180 8.41 -26.16 14.17
CA VAL A 180 8.98 -27.42 14.62
C VAL A 180 8.97 -27.49 16.14
N ASP A 181 9.45 -26.43 16.80
CA ASP A 181 9.48 -26.39 18.26
C ASP A 181 8.09 -26.47 18.87
N PHE A 182 7.14 -25.74 18.30
CA PHE A 182 5.77 -25.73 18.84
C PHE A 182 5.12 -27.10 18.73
N VAL A 183 5.22 -27.70 17.55
CA VAL A 183 4.63 -29.00 17.31
C VAL A 183 5.29 -30.11 18.12
N LYS A 184 6.61 -30.08 18.22
CA LYS A 184 7.30 -31.10 19.01
C LYS A 184 6.94 -30.95 20.49
N ASP A 185 6.97 -29.72 21.00
CA ASP A 185 6.63 -29.45 22.40
C ASP A 185 5.20 -29.89 22.72
N HIS A 186 4.29 -29.65 21.78
CA HIS A 186 2.88 -30.01 21.95
C HIS A 186 2.75 -31.52 22.09
N GLY A 187 3.38 -32.23 21.15
CA GLY A 187 3.39 -33.68 21.17
C GLY A 187 2.08 -34.41 20.91
N ASN A 188 0.98 -33.70 20.67
CA ASN A 188 -0.28 -34.40 20.43
C ASN A 188 -1.02 -33.98 19.17
N PHE A 189 -0.29 -33.71 18.09
CA PHE A 189 -0.91 -33.35 16.82
C PHE A 189 -1.26 -34.63 16.05
N LYS A 190 -2.46 -34.67 15.47
CA LYS A 190 -2.91 -35.84 14.74
C LYS A 190 -2.99 -35.55 13.25
N ALA A 191 -3.02 -34.27 12.91
CA ALA A 191 -3.11 -33.84 11.52
C ALA A 191 -2.23 -32.60 11.33
N PHE A 192 -1.62 -32.50 10.16
CA PHE A 192 -0.72 -31.39 9.81
C PHE A 192 -1.02 -31.05 8.34
N LEU A 193 -1.67 -29.92 8.12
CA LEU A 193 -2.02 -29.51 6.76
C LEU A 193 -1.30 -28.22 6.38
N SER A 194 -0.62 -28.26 5.23
CA SER A 194 0.12 -27.11 4.72
C SER A 194 -0.60 -26.64 3.46
N ILE A 195 -1.03 -25.37 3.44
CA ILE A 195 -1.79 -24.82 2.31
C ILE A 195 -0.93 -23.94 1.40
N HIS A 196 -0.92 -24.27 0.11
CA HIS A 196 -0.13 -23.57 -0.89
C HIS A 196 -1.02 -23.17 -2.05
N SER A 197 -0.48 -22.51 -3.06
CA SER A 197 -1.37 -22.18 -4.15
C SER A 197 -1.04 -22.50 -5.58
N TYR A 198 -2.13 -22.90 -6.24
CA TYR A 198 -2.21 -23.23 -7.64
C TYR A 198 -1.52 -24.45 -8.23
N SER A 199 -2.40 -25.23 -8.84
CA SER A 199 -2.14 -26.49 -9.52
C SER A 199 -3.33 -27.38 -9.15
N GLN A 200 -4.02 -27.02 -8.06
CA GLN A 200 -5.19 -27.78 -7.60
C GLN A 200 -4.83 -29.25 -7.38
N LEU A 201 -4.06 -29.48 -6.31
CA LEU A 201 -3.60 -30.80 -5.93
C LEU A 201 -3.78 -30.97 -4.42
N LEU A 202 -3.90 -32.23 -4.01
CA LEU A 202 -3.98 -32.60 -2.61
C LEU A 202 -2.94 -33.71 -2.55
N LEU A 203 -1.83 -33.44 -1.88
CA LEU A 203 -0.75 -34.41 -1.84
C LEU A 203 -0.45 -34.97 -0.46
N TYR A 204 0.01 -36.21 -0.41
CA TYR A 204 0.39 -36.79 0.87
C TYR A 204 1.88 -37.13 0.83
N PRO A 205 2.48 -37.36 2.01
CA PRO A 205 3.88 -37.68 2.26
C PRO A 205 4.85 -38.24 1.27
N TYR A 206 6.03 -37.64 1.40
CA TYR A 206 7.23 -37.89 0.66
C TYR A 206 7.32 -37.34 -0.75
N GLY A 207 8.12 -36.30 -0.83
CA GLY A 207 8.43 -35.65 -2.07
C GLY A 207 9.92 -35.89 -2.19
N TYR A 208 10.57 -36.16 -1.05
CA TYR A 208 12.02 -36.37 -1.04
C TYR A 208 12.47 -37.81 -1.35
N THR A 209 11.57 -38.77 -1.21
CA THR A 209 11.92 -40.17 -1.48
C THR A 209 10.78 -40.89 -2.19
N THR A 210 11.12 -41.89 -3.00
CA THR A 210 10.11 -42.65 -3.74
C THR A 210 9.51 -43.74 -2.84
N GLN A 211 10.05 -43.85 -1.63
CA GLN A 211 9.54 -44.83 -0.67
C GLN A 211 8.07 -44.52 -0.38
N SER A 212 7.23 -45.55 -0.35
CA SER A 212 5.82 -45.36 -0.08
C SER A 212 5.56 -45.39 1.43
N ILE A 213 4.75 -44.46 1.93
CA ILE A 213 4.44 -44.41 3.35
C ILE A 213 3.63 -45.62 3.78
N PRO A 214 3.78 -46.05 5.05
CA PRO A 214 3.06 -47.19 5.61
C PRO A 214 1.54 -47.02 5.56
N ASP A 215 1.10 -45.76 5.58
CA ASP A 215 -0.32 -45.44 5.56
C ASP A 215 -0.81 -45.00 4.18
N LYS A 216 -0.15 -45.44 3.12
CA LYS A 216 -0.55 -45.01 1.78
C LYS A 216 -2.01 -45.30 1.43
N THR A 217 -2.46 -46.53 1.68
CA THR A 217 -3.85 -46.88 1.35
C THR A 217 -4.84 -45.91 1.98
N GLU A 218 -4.71 -45.70 3.30
CA GLU A 218 -5.62 -44.80 4.00
C GLU A 218 -5.51 -43.33 3.59
N LEU A 219 -4.30 -42.78 3.54
CA LEU A 219 -4.15 -41.38 3.16
C LEU A 219 -4.63 -41.14 1.73
N ASN A 220 -4.41 -42.12 0.86
CA ASN A 220 -4.84 -42.01 -0.52
C ASN A 220 -6.37 -41.91 -0.59
N GLN A 221 -7.07 -42.73 0.20
CA GLN A 221 -8.53 -42.71 0.19
C GLN A 221 -9.05 -41.44 0.85
N VAL A 222 -8.36 -40.98 1.89
CA VAL A 222 -8.78 -39.76 2.56
C VAL A 222 -8.66 -38.62 1.55
N ALA A 223 -7.58 -38.63 0.76
CA ALA A 223 -7.36 -37.60 -0.24
C ALA A 223 -8.46 -37.68 -1.29
N LYS A 224 -8.76 -38.90 -1.74
CA LYS A 224 -9.80 -39.07 -2.74
C LYS A 224 -11.12 -38.47 -2.24
N SER A 225 -11.48 -38.78 -1.00
CA SER A 225 -12.72 -38.28 -0.43
C SER A 225 -12.69 -36.77 -0.25
N ALA A 226 -11.54 -36.24 0.15
CA ALA A 226 -11.41 -34.81 0.35
C ALA A 226 -11.58 -34.06 -0.97
N VAL A 227 -10.96 -34.57 -2.03
CA VAL A 227 -11.06 -33.92 -3.33
C VAL A 227 -12.48 -33.98 -3.87
N GLU A 228 -13.19 -35.07 -3.61
CA GLU A 228 -14.55 -35.20 -4.09
C GLU A 228 -15.44 -34.22 -3.33
N ALA A 229 -15.19 -34.07 -2.03
CA ALA A 229 -15.97 -33.13 -1.22
C ALA A 229 -15.74 -31.71 -1.72
N LEU A 230 -14.47 -31.35 -1.90
CA LEU A 230 -14.12 -30.03 -2.40
C LEU A 230 -14.81 -29.76 -3.73
N LYS A 231 -14.75 -30.75 -4.63
CA LYS A 231 -15.36 -30.63 -5.95
C LYS A 231 -16.87 -30.48 -5.96
N SER A 232 -17.55 -31.09 -4.99
CA SER A 232 -19.01 -31.04 -4.92
C SER A 232 -19.62 -29.65 -4.88
N LEU A 233 -18.82 -28.65 -4.54
CA LEU A 233 -19.34 -27.29 -4.43
C LEU A 233 -19.40 -26.49 -5.73
N TYR A 234 -18.26 -26.35 -6.40
CA TYR A 234 -18.20 -25.58 -7.64
C TYR A 234 -17.66 -26.37 -8.82
N GLY A 235 -17.36 -27.65 -8.61
CA GLY A 235 -16.84 -28.47 -9.68
C GLY A 235 -15.35 -28.35 -9.90
N THR A 236 -14.65 -27.73 -8.96
CA THR A 236 -13.21 -27.57 -9.08
C THR A 236 -12.57 -28.94 -8.97
N SER A 237 -11.80 -29.30 -9.99
CA SER A 237 -11.15 -30.60 -10.03
C SER A 237 -9.71 -30.58 -9.53
N TYR A 238 -9.45 -31.45 -8.58
CA TYR A 238 -8.13 -31.60 -7.97
C TYR A 238 -7.58 -32.97 -8.32
N LYS A 239 -6.25 -33.06 -8.39
CA LYS A 239 -5.56 -34.31 -8.63
C LYS A 239 -4.99 -34.63 -7.25
N TYR A 240 -4.70 -35.90 -6.98
CA TYR A 240 -4.14 -36.27 -5.68
C TYR A 240 -3.18 -37.44 -5.77
N GLY A 241 -2.32 -37.56 -4.76
CA GLY A 241 -1.35 -38.62 -4.72
C GLY A 241 -0.16 -38.17 -3.89
N SER A 242 0.90 -38.95 -3.85
CA SER A 242 2.09 -38.56 -3.09
C SER A 242 2.78 -37.44 -3.85
N ILE A 243 3.51 -36.59 -3.13
CA ILE A 243 4.21 -35.46 -3.74
C ILE A 243 5.13 -35.85 -4.88
N ILE A 244 6.01 -36.82 -4.62
CA ILE A 244 6.96 -37.23 -5.65
C ILE A 244 6.35 -37.84 -6.91
N THR A 245 5.26 -38.58 -6.79
CA THR A 245 4.65 -39.18 -7.98
C THR A 245 3.67 -38.25 -8.68
N THR A 246 3.22 -37.21 -7.98
CA THR A 246 2.26 -36.29 -8.57
C THR A 246 2.87 -35.05 -9.23
N ILE A 247 3.83 -34.40 -8.57
CA ILE A 247 4.45 -33.23 -9.20
C ILE A 247 5.91 -33.48 -9.54
N TYR A 248 6.71 -33.82 -8.54
CA TYR A 248 8.13 -34.08 -8.75
C TYR A 248 8.86 -34.27 -7.42
N GLN A 249 10.11 -34.69 -7.50
CA GLN A 249 10.90 -34.89 -6.28
C GLN A 249 11.14 -33.52 -5.65
N ALA A 250 10.84 -33.42 -4.36
CA ALA A 250 11.01 -32.18 -3.60
C ALA A 250 11.44 -32.54 -2.19
N SER A 251 12.58 -31.99 -1.76
CA SER A 251 13.10 -32.30 -0.43
C SER A 251 12.90 -31.16 0.57
N GLY A 252 13.10 -31.49 1.84
CA GLY A 252 12.94 -30.51 2.91
C GLY A 252 11.53 -29.96 3.08
N GLY A 253 10.53 -30.74 2.68
CA GLY A 253 9.14 -30.30 2.77
C GLY A 253 8.46 -30.50 4.12
N SER A 254 7.51 -29.63 4.45
CA SER A 254 6.83 -29.67 5.74
C SER A 254 6.05 -30.95 6.07
N ILE A 255 5.29 -31.49 5.12
CA ILE A 255 4.54 -32.70 5.45
C ILE A 255 5.37 -33.98 5.51
N ASP A 256 6.55 -33.97 4.92
CA ASP A 256 7.41 -35.14 5.01
C ASP A 256 7.94 -35.14 6.44
N TRP A 257 8.26 -33.95 6.95
CA TRP A 257 8.76 -33.80 8.30
C TRP A 257 7.70 -34.18 9.34
N SER A 258 6.49 -33.66 9.18
CA SER A 258 5.41 -33.94 10.13
C SER A 258 5.00 -35.40 10.13
N TYR A 259 4.93 -36.00 8.95
CA TYR A 259 4.58 -37.41 8.87
C TYR A 259 5.65 -38.23 9.60
N ASN A 260 6.91 -37.83 9.44
CA ASN A 260 7.99 -38.54 10.11
C ASN A 260 8.03 -38.32 11.62
N GLN A 261 7.27 -37.35 12.11
CA GLN A 261 7.22 -37.10 13.55
C GLN A 261 6.12 -37.99 14.12
N GLY A 262 5.42 -38.67 13.22
CA GLY A 262 4.34 -39.55 13.64
C GLY A 262 2.96 -38.95 13.45
N ILE A 263 2.90 -37.79 12.79
CA ILE A 263 1.61 -37.13 12.54
C ILE A 263 1.06 -37.75 11.25
N LYS A 264 0.20 -38.74 11.44
CA LYS A 264 -0.41 -39.51 10.37
C LYS A 264 -1.12 -38.76 9.23
N TYR A 265 -2.06 -37.89 9.58
CA TYR A 265 -2.79 -37.16 8.55
C TYR A 265 -2.07 -35.89 8.12
N SER A 266 -1.03 -36.08 7.32
CA SER A 266 -0.21 -34.99 6.81
C SER A 266 -0.51 -34.82 5.31
N PHE A 267 -1.01 -33.64 4.95
CA PHE A 267 -1.37 -33.34 3.57
C PHE A 267 -1.01 -31.90 3.20
N THR A 268 -0.76 -31.68 1.92
CA THR A 268 -0.45 -30.35 1.44
C THR A 268 -1.43 -30.06 0.30
N PHE A 269 -2.07 -28.88 0.38
CA PHE A 269 -3.02 -28.44 -0.62
C PHE A 269 -2.39 -27.38 -1.53
N GLU A 270 -2.58 -27.50 -2.84
CA GLU A 270 -2.11 -26.48 -3.78
C GLU A 270 -3.46 -25.98 -4.29
N LEU A 271 -3.86 -24.79 -3.83
CA LEU A 271 -5.16 -24.26 -4.19
C LEU A 271 -5.43 -23.86 -5.63
N ARG A 272 -6.59 -23.25 -5.81
CA ARG A 272 -7.10 -22.84 -7.10
C ARG A 272 -6.28 -22.27 -8.20
N ASP A 273 -6.84 -22.51 -9.37
CA ASP A 273 -6.30 -22.08 -10.62
C ASP A 273 -5.24 -23.07 -11.06
N THR A 274 -5.33 -23.41 -12.34
CA THR A 274 -4.40 -24.36 -12.95
C THR A 274 -3.43 -23.59 -13.84
N GLY A 275 -3.51 -22.26 -13.79
CA GLY A 275 -2.61 -21.46 -14.60
C GLY A 275 -3.23 -20.24 -15.26
N ARG A 276 -4.55 -20.16 -15.26
CA ARG A 276 -5.21 -19.02 -15.89
C ARG A 276 -4.69 -17.72 -15.30
N TYR A 277 -4.66 -17.66 -13.96
CA TYR A 277 -4.17 -16.47 -13.26
C TYR A 277 -2.96 -16.82 -12.39
N GLY A 278 -2.80 -18.10 -12.06
CA GLY A 278 -1.67 -18.51 -11.26
C GLY A 278 -1.67 -17.92 -9.86
N PHE A 279 -0.58 -17.24 -9.50
CA PHE A 279 -0.45 -16.63 -8.18
C PHE A 279 -1.30 -15.37 -8.07
N LEU A 280 -1.64 -14.78 -9.20
CA LEU A 280 -2.44 -13.56 -9.22
C LEU A 280 -3.94 -13.88 -9.34
N LEU A 281 -4.40 -14.79 -8.50
CA LEU A 281 -5.80 -15.20 -8.51
C LEU A 281 -6.68 -14.01 -8.13
N PRO A 282 -7.70 -13.72 -8.95
CA PRO A 282 -8.62 -12.60 -8.71
C PRO A 282 -9.27 -12.68 -7.32
N ALA A 283 -9.47 -11.53 -6.68
CA ALA A 283 -10.09 -11.48 -5.36
C ALA A 283 -11.50 -12.07 -5.40
N SER A 284 -12.13 -12.03 -6.56
CA SER A 284 -13.47 -12.55 -6.72
C SER A 284 -13.52 -14.07 -6.49
N GLN A 285 -12.35 -14.71 -6.49
CA GLN A 285 -12.30 -16.17 -6.27
C GLN A 285 -11.88 -16.54 -4.85
N ILE A 286 -11.63 -15.55 -4.01
CA ILE A 286 -11.22 -15.84 -2.64
C ILE A 286 -12.27 -16.63 -1.87
N ILE A 287 -13.48 -16.08 -1.76
CA ILE A 287 -14.52 -16.79 -1.01
C ILE A 287 -14.85 -18.15 -1.61
N PRO A 288 -15.05 -18.23 -2.94
CA PRO A 288 -15.38 -19.54 -3.51
C PRO A 288 -14.26 -20.57 -3.27
N THR A 289 -13.01 -20.12 -3.36
CA THR A 289 -11.87 -21.00 -3.13
C THR A 289 -11.86 -21.46 -1.67
N ALA A 290 -12.07 -20.52 -0.75
CA ALA A 290 -12.08 -20.84 0.67
C ALA A 290 -13.20 -21.81 1.00
N GLN A 291 -14.39 -21.56 0.47
CA GLN A 291 -15.54 -22.41 0.75
C GLN A 291 -15.31 -23.86 0.35
N GLU A 292 -14.89 -24.09 -0.90
CA GLU A 292 -14.65 -25.44 -1.39
C GLU A 292 -13.49 -26.12 -0.69
N THR A 293 -12.42 -25.36 -0.42
CA THR A 293 -11.25 -25.91 0.26
C THR A 293 -11.64 -26.36 1.67
N TRP A 294 -12.55 -25.59 2.28
CA TRP A 294 -13.01 -25.93 3.63
C TRP A 294 -13.63 -27.33 3.63
N LEU A 295 -14.42 -27.63 2.61
CA LEU A 295 -15.05 -28.95 2.54
C LEU A 295 -14.01 -30.05 2.53
N GLY A 296 -12.91 -29.81 1.81
CA GLY A 296 -11.84 -30.81 1.75
C GLY A 296 -11.11 -30.96 3.07
N VAL A 297 -10.85 -29.83 3.74
CA VAL A 297 -10.17 -29.84 5.02
C VAL A 297 -11.04 -30.50 6.09
N LEU A 298 -12.32 -30.15 6.12
CA LEU A 298 -13.24 -30.74 7.09
C LEU A 298 -13.26 -32.25 6.90
N THR A 299 -13.25 -32.69 5.64
CA THR A 299 -13.28 -34.12 5.35
C THR A 299 -12.09 -34.79 6.01
N ILE A 300 -10.92 -34.17 5.93
CA ILE A 300 -9.72 -34.73 6.53
C ILE A 300 -9.85 -34.71 8.06
N MET A 301 -10.33 -33.62 8.62
CA MET A 301 -10.49 -33.52 10.06
C MET A 301 -11.42 -34.63 10.56
N GLU A 302 -12.52 -34.86 9.86
CA GLU A 302 -13.47 -35.90 10.25
C GLU A 302 -12.80 -37.28 10.36
N HIS A 303 -11.89 -37.57 9.44
CA HIS A 303 -11.18 -38.85 9.47
C HIS A 303 -10.18 -38.87 10.62
N THR A 304 -9.79 -37.68 11.07
CA THR A 304 -8.83 -37.58 12.15
C THR A 304 -9.46 -37.77 13.52
N VAL A 305 -10.67 -37.26 13.69
CA VAL A 305 -11.37 -37.36 14.97
C VAL A 305 -11.77 -38.80 15.32
N ASN A 306 -12.13 -39.57 14.31
CA ASN A 306 -12.55 -40.96 14.53
C ASN A 306 -11.47 -41.98 14.14
N ASN A 307 -10.21 -41.56 14.18
CA ASN A 307 -9.10 -42.44 13.83
C ASN A 307 -7.80 -41.99 14.51
N ALA B 1 21.88 11.07 39.60
CA ALA B 1 22.40 11.83 38.43
C ALA B 1 22.29 13.33 38.70
N ARG B 2 23.32 13.88 39.36
CA ARG B 2 23.37 15.30 39.71
C ARG B 2 23.89 16.21 38.60
N SER B 3 24.39 15.63 37.52
CA SER B 3 24.93 16.41 36.42
C SER B 3 24.74 15.65 35.11
N THR B 4 24.68 16.38 33.99
CA THR B 4 24.52 15.70 32.71
C THR B 4 25.84 15.00 32.40
N ASN B 5 26.86 15.32 33.18
CA ASN B 5 28.19 14.73 33.02
C ASN B 5 28.30 13.42 33.80
N THR B 6 27.26 13.10 34.57
CA THR B 6 27.25 11.86 35.35
C THR B 6 26.06 10.99 34.94
N PHE B 7 25.20 11.54 34.09
CA PHE B 7 24.03 10.83 33.58
C PHE B 7 24.52 9.62 32.78
N ASN B 8 23.90 8.46 32.98
CA ASN B 8 24.31 7.25 32.27
C ASN B 8 23.63 7.15 30.91
N TYR B 9 24.35 7.52 29.87
CA TYR B 9 23.80 7.51 28.51
C TYR B 9 23.76 6.12 27.91
N ALA B 10 24.36 5.15 28.60
CA ALA B 10 24.40 3.78 28.11
C ALA B 10 23.32 2.87 28.67
N THR B 11 22.33 3.46 29.32
CA THR B 11 21.23 2.66 29.87
C THR B 11 19.89 3.34 29.58
N TYR B 12 18.82 2.56 29.60
CA TYR B 12 17.50 3.10 29.36
C TYR B 12 16.93 3.77 30.61
N HIS B 13 16.25 4.89 30.43
CA HIS B 13 15.71 5.64 31.54
C HIS B 13 14.20 5.78 31.57
N THR B 14 13.69 6.26 32.71
CA THR B 14 12.26 6.48 32.93
C THR B 14 11.90 7.91 32.54
N LEU B 15 10.61 8.20 32.48
CA LEU B 15 10.18 9.54 32.14
C LEU B 15 10.76 10.55 33.13
N ASP B 16 10.62 10.26 34.43
CA ASP B 16 11.14 11.16 35.46
C ASP B 16 12.62 11.47 35.28
N GLU B 17 13.42 10.45 35.02
CA GLU B 17 14.86 10.62 34.83
C GLU B 17 15.19 11.50 33.63
N ILE B 18 14.46 11.29 32.53
CA ILE B 18 14.68 12.09 31.33
C ILE B 18 14.23 13.53 31.57
N TYR B 19 13.09 13.70 32.25
CA TYR B 19 12.61 15.05 32.54
C TYR B 19 13.58 15.76 33.48
N ASP B 20 14.16 15.02 34.41
CA ASP B 20 15.13 15.61 35.32
C ASP B 20 16.38 15.99 34.53
N PHE B 21 16.72 15.15 33.55
CA PHE B 21 17.89 15.40 32.71
C PHE B 21 17.75 16.74 32.00
N MET B 22 16.54 17.03 31.51
CA MET B 22 16.28 18.28 30.80
C MET B 22 16.62 19.50 31.64
N ASP B 23 16.23 19.48 32.91
CA ASP B 23 16.51 20.61 33.80
C ASP B 23 18.00 20.74 34.11
N LEU B 24 18.68 19.60 34.26
CA LEU B 24 20.11 19.62 34.54
C LEU B 24 20.81 20.32 33.38
N LEU B 25 20.44 19.94 32.16
CA LEU B 25 21.05 20.51 30.97
C LEU B 25 20.79 22.00 30.84
N VAL B 26 19.54 22.42 31.06
CA VAL B 26 19.19 23.82 30.99
C VAL B 26 19.97 24.63 32.02
N ALA B 27 20.05 24.11 33.24
CA ALA B 27 20.79 24.78 34.30
C ALA B 27 22.28 24.87 33.99
N GLU B 28 22.80 23.88 33.28
CA GLU B 28 24.22 23.83 32.92
C GLU B 28 24.57 24.64 31.67
N HIS B 29 23.57 24.89 30.82
CA HIS B 29 23.78 25.62 29.57
C HIS B 29 22.65 26.61 29.31
N PRO B 30 22.43 27.55 30.23
CA PRO B 30 21.38 28.58 30.17
C PRO B 30 21.40 29.49 28.95
N GLN B 31 22.57 29.77 28.41
CA GLN B 31 22.68 30.65 27.25
C GLN B 31 22.38 29.94 25.94
N LEU B 32 22.28 28.61 25.99
CA LEU B 32 22.03 27.83 24.79
C LEU B 32 20.75 27.01 24.80
N VAL B 33 20.42 26.41 25.94
CA VAL B 33 19.24 25.56 26.04
C VAL B 33 18.14 26.08 26.95
N SER B 34 16.90 25.90 26.50
CA SER B 34 15.72 26.29 27.26
C SER B 34 14.68 25.18 27.14
N LYS B 35 13.83 25.05 28.15
CA LYS B 35 12.80 24.03 28.12
C LYS B 35 11.43 24.65 27.90
N LEU B 36 10.75 24.24 26.82
CA LEU B 36 9.44 24.75 26.49
C LEU B 36 8.37 23.68 26.69
N GLN B 37 7.23 24.06 27.25
CA GLN B 37 6.14 23.12 27.41
C GLN B 37 5.14 23.50 26.31
N ILE B 38 4.97 22.62 25.32
CA ILE B 38 4.08 22.91 24.21
C ILE B 38 2.66 22.38 24.41
N GLY B 39 2.40 21.81 25.59
CA GLY B 39 1.08 21.29 25.89
C GLY B 39 1.14 20.23 26.96
N ARG B 40 0.04 19.50 27.12
CA ARG B 40 -0.05 18.44 28.11
C ARG B 40 -0.62 17.20 27.43
N SER B 41 -0.13 16.03 27.83
CA SER B 41 -0.57 14.76 27.25
C SER B 41 -2.01 14.49 27.66
N TYR B 42 -2.60 13.44 27.10
CA TYR B 42 -3.97 13.08 27.44
C TYR B 42 -4.09 12.92 28.95
N GLU B 43 -3.08 12.30 29.56
CA GLU B 43 -3.10 12.07 30.99
C GLU B 43 -2.54 13.22 31.83
N GLY B 44 -2.44 14.40 31.22
CA GLY B 44 -1.96 15.57 31.93
C GLY B 44 -0.47 15.83 32.08
N ARG B 45 0.36 14.93 31.58
CA ARG B 45 1.80 15.13 31.71
C ARG B 45 2.29 16.25 30.80
N PRO B 46 3.21 17.07 31.31
CA PRO B 46 3.71 18.15 30.47
C PRO B 46 4.46 17.57 29.27
N ILE B 47 4.37 18.24 28.12
CA ILE B 47 5.07 17.81 26.91
C ILE B 47 6.19 18.83 26.73
N TYR B 48 7.43 18.37 26.82
CA TYR B 48 8.59 19.25 26.71
C TYR B 48 9.39 19.21 25.43
N VAL B 49 9.78 20.39 24.97
CA VAL B 49 10.60 20.55 23.78
C VAL B 49 11.81 21.36 24.22
N LEU B 50 13.00 20.83 23.98
CA LEU B 50 14.22 21.57 24.34
C LEU B 50 14.58 22.44 23.15
N LYS B 51 14.75 23.74 23.41
CA LYS B 51 15.10 24.68 22.36
C LYS B 51 16.58 25.05 22.44
N PHE B 52 17.31 24.86 21.35
CA PHE B 52 18.72 25.19 21.29
C PHE B 52 18.85 26.40 20.36
N SER B 53 19.30 27.51 20.92
CA SER B 53 19.43 28.74 20.13
C SER B 53 20.57 29.61 20.63
N THR B 54 21.09 30.45 19.74
CA THR B 54 22.16 31.37 20.08
C THR B 54 21.69 32.81 19.88
N GLY B 55 20.37 32.99 19.81
CA GLY B 55 19.81 34.32 19.64
C GLY B 55 18.96 34.47 18.38
N GLY B 56 18.86 35.70 17.91
CA GLY B 56 18.08 35.99 16.71
C GLY B 56 16.59 36.13 16.93
N SER B 57 15.86 36.43 15.87
CA SER B 57 14.42 36.58 15.94
C SER B 57 13.74 35.45 15.19
N ASN B 58 13.35 34.41 15.93
CA ASN B 58 12.70 33.25 15.35
C ASN B 58 13.35 32.84 14.04
N ARG B 59 14.64 32.52 14.15
CA ARG B 59 15.45 32.10 13.01
C ARG B 59 14.89 30.84 12.37
N PRO B 60 15.38 30.49 11.17
CA PRO B 60 14.91 29.27 10.50
C PRO B 60 15.16 28.14 11.49
N ALA B 61 14.23 27.19 11.57
CA ALA B 61 14.39 26.12 12.55
C ALA B 61 14.36 24.69 12.05
N ILE B 62 14.87 23.81 12.90
CA ILE B 62 14.93 22.38 12.64
C ILE B 62 14.16 21.69 13.76
N TRP B 63 13.17 20.89 13.39
CA TRP B 63 12.37 20.16 14.37
C TRP B 63 12.80 18.71 14.40
N ILE B 64 12.90 18.14 15.60
CA ILE B 64 13.27 16.74 15.74
C ILE B 64 12.42 16.12 16.83
N ASP B 65 11.59 15.16 16.47
CA ASP B 65 10.74 14.50 17.46
C ASP B 65 11.14 13.03 17.58
N LEU B 66 11.14 12.53 18.80
CA LEU B 66 11.50 11.15 19.07
C LEU B 66 10.48 10.55 20.02
N GLY B 67 10.37 9.23 20.03
CA GLY B 67 9.46 8.55 20.93
C GLY B 67 7.97 8.72 20.70
N ILE B 68 7.54 9.00 19.48
CA ILE B 68 6.11 9.16 19.25
C ILE B 68 5.46 7.78 19.46
N HIS B 69 6.24 6.73 19.21
CA HIS B 69 5.80 5.35 19.42
C HIS B 69 6.58 4.92 20.66
N SER B 70 5.91 4.91 21.80
CA SER B 70 6.54 4.61 23.08
C SER B 70 7.50 3.44 23.21
N ARG B 71 7.19 2.29 22.62
CA ARG B 71 8.06 1.12 22.74
C ARG B 71 9.41 1.23 22.04
N GLU B 72 9.56 2.21 21.16
CA GLU B 72 10.80 2.39 20.42
C GLU B 72 11.84 3.12 21.28
N TRP B 73 12.17 2.48 22.41
CA TRP B 73 13.11 3.00 23.39
C TRP B 73 14.44 3.56 22.87
N ILE B 74 14.98 2.98 21.81
CA ILE B 74 16.25 3.46 21.29
C ILE B 74 16.17 4.94 20.87
N THR B 75 14.97 5.42 20.54
CA THR B 75 14.81 6.81 20.12
C THR B 75 14.85 7.79 21.29
N GLN B 76 14.12 7.52 22.38
CA GLN B 76 14.17 8.45 23.51
C GLN B 76 15.60 8.51 24.04
N ALA B 77 16.27 7.36 24.08
CA ALA B 77 17.64 7.29 24.58
C ALA B 77 18.57 8.06 23.64
N THR B 78 18.31 7.97 22.35
CA THR B 78 19.11 8.70 21.37
C THR B 78 18.82 10.18 21.51
N GLY B 79 17.58 10.52 21.85
CA GLY B 79 17.18 11.91 22.00
C GLY B 79 17.95 12.58 23.14
N VAL B 80 18.10 11.85 24.23
CA VAL B 80 18.84 12.34 25.37
C VAL B 80 20.30 12.55 24.96
N TRP B 81 20.87 11.57 24.27
CA TRP B 81 22.25 11.67 23.82
C TRP B 81 22.43 12.89 22.90
N PHE B 82 21.46 13.10 22.01
CA PHE B 82 21.48 14.26 21.10
C PHE B 82 21.54 15.57 21.89
N ALA B 83 20.65 15.72 22.86
CA ALA B 83 20.63 16.93 23.67
C ALA B 83 22.01 17.23 24.25
N LYS B 84 22.63 16.20 24.84
CA LYS B 84 23.96 16.36 25.43
C LYS B 84 24.99 16.71 24.36
N LYS B 85 24.93 16.03 23.23
CA LYS B 85 25.85 16.25 22.12
C LYS B 85 25.81 17.70 21.62
N PHE B 86 24.61 18.26 21.48
CA PHE B 86 24.47 19.63 21.03
C PHE B 86 25.25 20.60 21.91
N THR B 87 25.16 20.41 23.23
CA THR B 87 25.85 21.29 24.16
C THR B 87 27.36 21.09 24.16
N GLU B 88 27.81 19.89 23.79
CA GLU B 88 29.25 19.62 23.75
C GLU B 88 29.91 20.16 22.49
N ASP B 89 29.26 19.96 21.35
CA ASP B 89 29.80 20.39 20.06
C ASP B 89 29.62 21.86 19.65
N TYR B 90 28.60 22.54 20.15
CA TYR B 90 28.43 23.94 19.75
C TYR B 90 29.64 24.75 20.22
N GLY B 91 30.22 25.51 19.30
CA GLY B 91 31.38 26.31 19.61
C GLY B 91 32.66 25.56 19.35
N GLN B 92 32.59 24.24 19.38
CA GLN B 92 33.76 23.41 19.15
C GLN B 92 33.80 22.88 17.72
N ASP B 93 32.71 22.25 17.28
CA ASP B 93 32.67 21.73 15.91
C ASP B 93 32.29 22.85 14.95
N PRO B 94 33.13 23.10 13.94
CA PRO B 94 32.88 24.14 12.96
C PRO B 94 31.50 24.07 12.28
N SER B 95 31.16 22.90 11.75
CA SER B 95 29.90 22.70 11.06
C SER B 95 28.67 22.91 11.94
N PHE B 96 28.61 22.20 13.07
CA PHE B 96 27.46 22.34 13.95
C PHE B 96 27.33 23.78 14.48
N THR B 97 28.46 24.40 14.78
CA THR B 97 28.46 25.76 15.27
C THR B 97 27.83 26.69 14.23
N ALA B 98 28.21 26.48 12.97
CA ALA B 98 27.68 27.30 11.88
C ALA B 98 26.16 27.12 11.79
N ILE B 99 25.69 25.90 12.01
CA ILE B 99 24.26 25.61 11.93
C ILE B 99 23.48 26.34 13.03
N LEU B 100 23.97 26.28 14.24
CA LEU B 100 23.29 26.92 15.36
C LEU B 100 23.46 28.42 15.39
N ASP B 101 24.36 28.95 14.56
CA ASP B 101 24.58 30.39 14.51
C ASP B 101 23.56 31.07 13.62
N SER B 102 22.90 30.28 12.77
CA SER B 102 21.89 30.81 11.88
C SER B 102 20.54 30.10 12.00
N MET B 103 20.51 29.01 12.76
CA MET B 103 19.28 28.26 12.93
C MET B 103 19.06 27.75 14.35
N ASP B 104 17.80 27.51 14.69
CA ASP B 104 17.45 26.99 16.01
C ASP B 104 17.06 25.54 15.85
N ILE B 105 17.25 24.76 16.90
CA ILE B 105 16.87 23.36 16.87
C ILE B 105 15.89 23.11 18.02
N PHE B 106 14.77 22.48 17.68
CA PHE B 106 13.75 22.15 18.68
C PHE B 106 13.72 20.63 18.77
N LEU B 107 14.06 20.11 19.95
CA LEU B 107 14.14 18.69 20.19
C LEU B 107 13.10 18.17 21.18
N GLU B 108 12.21 17.28 20.72
CA GLU B 108 11.21 16.70 21.61
C GLU B 108 11.62 15.25 21.83
N ILE B 109 12.24 14.99 22.98
CA ILE B 109 12.73 13.68 23.34
C ILE B 109 11.66 12.61 23.58
N VAL B 110 10.56 12.99 24.23
CA VAL B 110 9.48 12.05 24.51
C VAL B 110 8.14 12.61 24.00
N THR B 111 7.89 12.40 22.72
CA THR B 111 6.67 12.91 22.10
C THR B 111 5.38 12.26 22.61
N ASN B 112 5.49 11.04 23.15
CA ASN B 112 4.35 10.28 23.68
C ASN B 112 4.68 9.87 25.11
N PRO B 113 4.64 10.83 26.05
CA PRO B 113 4.97 10.54 27.46
C PRO B 113 4.08 9.54 28.19
N ASP B 114 2.79 9.50 27.87
CA ASP B 114 1.88 8.57 28.53
C ASP B 114 2.21 7.14 28.12
N GLY B 115 2.46 6.95 26.84
CA GLY B 115 2.81 5.63 26.35
C GLY B 115 4.14 5.21 26.94
N PHE B 116 5.07 6.15 27.06
CA PHE B 116 6.38 5.83 27.59
C PHE B 116 6.28 5.35 29.04
N ALA B 117 5.48 6.04 29.84
CA ALA B 117 5.31 5.63 31.23
C ALA B 117 4.70 4.23 31.26
N PHE B 118 3.78 3.98 30.33
CA PHE B 118 3.11 2.69 30.24
C PHE B 118 4.09 1.57 29.86
N THR B 119 5.10 1.88 29.06
CA THR B 119 6.07 0.85 28.66
C THR B 119 6.95 0.45 29.84
N HIS B 120 7.03 1.32 30.84
CA HIS B 120 7.85 1.06 32.02
C HIS B 120 7.07 0.36 33.13
N SER B 121 5.77 0.62 33.20
CA SER B 121 4.94 0.06 34.26
C SER B 121 4.02 -1.10 33.93
N GLN B 122 3.53 -1.17 32.70
CA GLN B 122 2.59 -2.22 32.36
C GLN B 122 2.89 -3.09 31.15
N ASN B 123 3.30 -2.44 30.06
CA ASN B 123 3.53 -3.17 28.82
C ASN B 123 4.70 -2.58 28.05
N ARG B 124 5.84 -3.26 28.08
CA ARG B 124 7.05 -2.81 27.40
C ARG B 124 6.88 -2.59 25.90
N LEU B 125 5.94 -3.31 25.29
CA LEU B 125 5.74 -3.17 23.85
C LEU B 125 4.56 -2.30 23.42
N TRP B 126 4.07 -1.46 24.33
CA TRP B 126 2.96 -0.58 23.98
C TRP B 126 3.50 0.52 23.07
N ARG B 127 2.72 0.93 22.07
CA ARG B 127 3.18 1.95 21.12
C ARG B 127 2.28 3.16 20.93
N LYS B 128 0.97 2.98 21.17
CA LYS B 128 0.03 4.07 20.98
C LYS B 128 -0.02 5.03 22.16
N THR B 129 -0.91 6.01 22.07
CA THR B 129 -1.08 6.99 23.12
C THR B 129 -1.94 6.29 24.18
N ARG B 130 -2.47 7.05 25.14
CA ARG B 130 -3.30 6.47 26.19
C ARG B 130 -4.66 7.12 26.28
N SER B 131 -5.13 7.71 25.19
CA SER B 131 -6.43 8.36 25.18
C SER B 131 -7.57 7.34 25.23
N VAL B 132 -8.68 7.74 25.86
CA VAL B 132 -9.86 6.89 25.98
C VAL B 132 -10.87 7.38 24.94
N THR B 133 -11.28 6.48 24.05
CA THR B 133 -12.19 6.82 22.96
C THR B 133 -13.71 6.82 23.21
N SER B 134 -14.13 6.81 24.46
CA SER B 134 -15.56 6.82 24.78
C SER B 134 -16.33 5.54 24.45
N SER B 135 -16.28 5.13 23.18
CA SER B 135 -16.98 3.93 22.74
C SER B 135 -16.05 2.79 22.38
N SER B 136 -15.25 2.35 23.34
CA SER B 136 -14.31 1.26 23.09
C SER B 136 -13.62 0.79 24.36
N LEU B 137 -13.50 -0.52 24.50
CA LEU B 137 -12.83 -1.11 25.65
C LEU B 137 -11.33 -1.06 25.39
N CYS B 138 -10.95 -0.48 24.26
CA CYS B 138 -9.55 -0.36 23.89
C CYS B 138 -9.02 1.04 24.15
N VAL B 139 -7.71 1.17 24.22
CA VAL B 139 -7.08 2.46 24.53
C VAL B 139 -6.02 2.89 23.52
N GLY B 140 -5.86 4.21 23.39
CA GLY B 140 -4.84 4.76 22.53
C GLY B 140 -5.02 4.82 21.02
N VAL B 141 -4.23 5.71 20.43
CA VAL B 141 -4.20 5.92 18.99
C VAL B 141 -2.75 5.87 18.53
N ASP B 142 -2.53 5.48 17.28
CA ASP B 142 -1.19 5.45 16.72
C ASP B 142 -0.95 6.92 16.37
N ALA B 143 -0.22 7.62 17.24
CA ALA B 143 0.04 9.04 17.03
C ALA B 143 0.64 9.40 15.69
N ASN B 144 1.35 8.46 15.05
CA ASN B 144 1.94 8.77 13.75
C ASN B 144 1.07 8.38 12.57
N ARG B 145 -0.22 8.26 12.84
CA ARG B 145 -1.21 7.96 11.81
C ARG B 145 -2.40 8.89 12.06
N ASN B 146 -2.20 9.82 12.99
CA ASN B 146 -3.22 10.79 13.41
C ASN B 146 -3.05 12.19 12.80
N TRP B 147 -1.98 12.40 12.04
CA TRP B 147 -1.73 13.71 11.43
C TRP B 147 -2.65 14.00 10.24
N ASP B 148 -2.86 15.28 9.97
CA ASP B 148 -3.72 15.70 8.87
C ASP B 148 -2.97 15.65 7.53
N ALA B 149 -2.70 14.44 7.08
CA ALA B 149 -2.00 14.19 5.82
C ALA B 149 -2.50 12.85 5.33
N GLY B 150 -3.54 12.88 4.50
CA GLY B 150 -4.13 11.66 3.99
C GLY B 150 -4.79 10.93 5.15
N PHE B 151 -5.23 11.70 6.15
CA PHE B 151 -5.86 11.11 7.32
C PHE B 151 -7.04 10.21 6.94
N GLY B 152 -7.10 9.05 7.58
CA GLY B 152 -8.19 8.12 7.34
C GLY B 152 -8.07 7.27 6.09
N LYS B 153 -7.04 7.52 5.28
CA LYS B 153 -6.87 6.74 4.06
C LYS B 153 -6.13 5.44 4.30
N ALA B 154 -6.10 4.59 3.27
CA ALA B 154 -5.42 3.30 3.36
C ALA B 154 -4.03 3.46 3.93
N GLY B 155 -3.67 2.57 4.86
CA GLY B 155 -2.37 2.63 5.50
C GLY B 155 -2.54 2.96 6.97
N ALA B 156 -3.76 2.78 7.46
CA ALA B 156 -4.09 3.04 8.86
C ALA B 156 -5.38 2.29 9.17
N SER B 157 -5.63 2.01 10.44
CA SER B 157 -6.84 1.30 10.83
C SER B 157 -7.89 2.21 11.44
N SER B 158 -9.16 1.94 11.12
CA SER B 158 -10.27 2.72 11.64
C SER B 158 -10.80 2.08 12.92
N SER B 159 -10.24 0.93 13.29
CA SER B 159 -10.64 0.21 14.49
C SER B 159 -9.89 0.70 15.73
N PRO B 160 -10.61 1.21 16.74
CA PRO B 160 -9.99 1.71 17.97
C PRO B 160 -9.08 0.71 18.67
N CYS B 161 -9.30 -0.58 18.41
CA CYS B 161 -8.50 -1.63 19.03
C CYS B 161 -7.23 -1.96 18.27
N SER B 162 -7.11 -1.42 17.06
CA SER B 162 -5.94 -1.68 16.24
C SER B 162 -4.68 -0.98 16.73
N GLU B 163 -3.53 -1.60 16.49
CA GLU B 163 -2.26 -1.04 16.90
C GLU B 163 -1.90 0.13 15.99
N THR B 164 -2.62 0.25 14.88
CA THR B 164 -2.40 1.33 13.92
C THR B 164 -3.67 2.17 13.75
N TYR B 165 -4.46 2.25 14.83
CA TYR B 165 -5.70 3.03 14.82
C TYR B 165 -5.33 4.49 14.58
N HIS B 166 -5.95 5.11 13.58
CA HIS B 166 -5.65 6.50 13.26
C HIS B 166 -6.31 7.54 14.17
N GLY B 167 -7.31 7.11 14.95
CA GLY B 167 -7.98 8.04 15.82
C GLY B 167 -9.29 8.55 15.22
N LYS B 168 -10.07 9.26 16.04
CA LYS B 168 -11.37 9.79 15.62
C LYS B 168 -11.30 10.73 14.43
N TYR B 169 -10.31 11.63 14.43
CA TYR B 169 -10.14 12.57 13.34
C TYR B 169 -8.72 13.16 13.35
N ALA B 170 -8.35 13.81 12.25
CA ALA B 170 -7.03 14.40 12.14
C ALA B 170 -6.72 15.30 13.33
N ASN B 171 -5.57 15.08 13.95
CA ASN B 171 -5.11 15.87 15.10
C ASN B 171 -5.94 15.72 16.37
N SER B 172 -6.66 14.60 16.49
CA SER B 172 -7.47 14.36 17.68
C SER B 172 -6.59 14.19 18.92
N GLU B 173 -5.41 13.60 18.73
CA GLU B 173 -4.49 13.37 19.83
C GLU B 173 -3.74 14.65 20.18
N VAL B 174 -3.86 15.06 21.44
CA VAL B 174 -3.21 16.28 21.91
C VAL B 174 -1.69 16.25 21.75
N GLU B 175 -1.10 15.06 21.73
CA GLU B 175 0.34 14.94 21.56
C GLU B 175 0.72 15.41 20.16
N VAL B 176 -0.19 15.21 19.21
CA VAL B 176 0.02 15.61 17.82
C VAL B 176 -0.35 17.07 17.63
N LYS B 177 -1.55 17.43 18.08
CA LYS B 177 -2.04 18.81 17.96
C LYS B 177 -1.07 19.81 18.58
N SER B 178 -0.39 19.41 19.65
CA SER B 178 0.57 20.29 20.33
C SER B 178 1.73 20.62 19.41
N ILE B 179 2.17 19.65 18.63
CA ILE B 179 3.27 19.87 17.71
C ILE B 179 2.78 20.73 16.56
N VAL B 180 1.61 20.39 16.03
CA VAL B 180 1.00 21.12 14.93
C VAL B 180 0.84 22.61 15.26
N ASP B 181 0.30 22.91 16.43
CA ASP B 181 0.11 24.32 16.83
C ASP B 181 1.46 25.02 16.99
N PHE B 182 2.43 24.32 17.55
CA PHE B 182 3.75 24.90 17.78
C PHE B 182 4.44 25.23 16.47
N VAL B 183 4.49 24.26 15.56
CA VAL B 183 5.12 24.45 14.28
C VAL B 183 4.41 25.48 13.42
N LYS B 184 3.07 25.46 13.40
CA LYS B 184 2.33 26.44 12.62
C LYS B 184 2.55 27.84 13.17
N ASP B 185 2.50 27.98 14.50
CA ASP B 185 2.71 29.28 15.14
C ASP B 185 4.09 29.85 14.79
N HIS B 186 5.09 28.97 14.82
CA HIS B 186 6.47 29.35 14.53
C HIS B 186 6.55 29.87 13.09
N GLY B 187 6.05 29.06 12.15
CA GLY B 187 6.03 29.44 10.75
C GLY B 187 7.35 29.53 9.99
N ASN B 188 8.46 29.17 10.62
CA ASN B 188 9.74 29.24 9.91
C ASN B 188 10.62 28.00 10.10
N PHE B 189 10.01 26.82 10.02
CA PHE B 189 10.75 25.56 10.14
C PHE B 189 11.23 25.17 8.74
N LYS B 190 12.50 24.78 8.64
CA LYS B 190 13.07 24.38 7.36
C LYS B 190 13.29 22.86 7.28
N ALA B 191 13.36 22.24 8.45
CA ALA B 191 13.57 20.80 8.54
C ALA B 191 12.64 20.20 9.60
N PHE B 192 12.22 18.96 9.38
CA PHE B 192 11.33 18.27 10.30
C PHE B 192 11.72 16.80 10.27
N LEU B 193 12.33 16.33 11.35
CA LEU B 193 12.79 14.94 11.42
C LEU B 193 12.07 14.16 12.53
N SER B 194 11.52 13.00 12.17
CA SER B 194 10.82 12.13 13.10
C SER B 194 11.66 10.88 13.30
N ILE B 195 12.05 10.59 14.54
CA ILE B 195 12.89 9.43 14.84
C ILE B 195 12.10 8.24 15.38
N HIS B 196 12.22 7.10 14.72
CA HIS B 196 11.52 5.87 15.10
C HIS B 196 12.52 4.73 15.21
N SER B 197 12.07 3.52 15.49
CA SER B 197 13.06 2.47 15.59
C SER B 197 12.90 1.15 14.88
N TYR B 198 14.05 0.69 14.44
CA TYR B 198 14.27 -0.56 13.77
C TYR B 198 13.70 -0.86 12.38
N SER B 199 14.66 -1.19 11.53
CA SER B 199 14.51 -1.55 10.12
C SER B 199 15.66 -0.84 9.40
N GLN B 200 16.24 0.16 10.07
CA GLN B 200 17.35 0.93 9.53
C GLN B 200 17.03 1.52 8.16
N LEU B 201 16.17 2.54 8.18
CA LEU B 201 15.75 3.22 6.97
C LEU B 201 15.73 4.73 7.19
N LEU B 202 15.91 5.48 6.11
CA LEU B 202 15.82 6.92 6.13
C LEU B 202 14.81 7.18 5.02
N LEU B 203 13.63 7.64 5.41
CA LEU B 203 12.57 7.86 4.45
C LEU B 203 12.15 9.32 4.30
N TYR B 204 11.70 9.68 3.10
CA TYR B 204 11.23 11.05 2.87
C TYR B 204 9.75 11.00 2.49
N PRO B 205 9.06 12.15 2.53
CA PRO B 205 7.65 12.36 2.23
C PRO B 205 6.82 11.46 1.36
N TYR B 206 5.59 11.31 1.85
CA TYR B 206 4.49 10.55 1.30
C TYR B 206 4.46 9.05 1.45
N GLY B 207 3.63 8.65 2.41
CA GLY B 207 3.40 7.25 2.67
C GLY B 207 1.92 7.09 2.37
N TYR B 208 1.20 8.21 2.36
CA TYR B 208 -0.24 8.19 2.10
C TYR B 208 -0.63 8.23 0.62
N THR B 209 0.30 8.65 -0.23
CA THR B 209 0.03 8.73 -1.67
C THR B 209 1.24 8.33 -2.50
N THR B 210 0.98 7.74 -3.66
CA THR B 210 2.04 7.30 -4.54
C THR B 210 2.66 8.48 -5.29
N GLN B 211 2.08 9.66 -5.11
CA GLN B 211 2.60 10.85 -5.75
C GLN B 211 4.01 11.12 -5.26
N SER B 212 4.95 11.27 -6.18
CA SER B 212 6.33 11.56 -5.78
C SER B 212 6.39 13.06 -5.51
N ILE B 213 7.07 13.44 -4.43
CA ILE B 213 7.19 14.85 -4.06
C ILE B 213 7.93 15.67 -5.11
N PRO B 214 7.63 16.97 -5.21
CA PRO B 214 8.27 17.87 -6.17
C PRO B 214 9.78 17.95 -5.92
N ASP B 215 10.17 17.70 -4.68
CA ASP B 215 11.57 17.77 -4.29
C ASP B 215 12.21 16.38 -4.16
N LYS B 216 11.62 15.38 -4.80
CA LYS B 216 12.15 14.02 -4.71
C LYS B 216 13.64 13.91 -4.99
N THR B 217 14.08 14.43 -6.12
CA THR B 217 15.50 14.36 -6.48
C THR B 217 16.40 14.90 -5.37
N GLU B 218 16.03 16.06 -4.83
CA GLU B 218 16.84 16.66 -3.78
C GLU B 218 16.81 15.88 -2.47
N LEU B 219 15.62 15.49 -2.01
CA LEU B 219 15.54 14.75 -0.76
C LEU B 219 16.20 13.38 -0.90
N ASN B 220 16.16 12.80 -2.09
CA ASN B 220 16.79 11.51 -2.31
C ASN B 220 18.31 11.65 -2.23
N GLN B 221 18.82 12.77 -2.74
CA GLN B 221 20.25 13.03 -2.69
C GLN B 221 20.68 13.27 -1.26
N VAL B 222 19.85 14.00 -0.51
CA VAL B 222 20.15 14.27 0.88
C VAL B 222 20.17 12.97 1.67
N ALA B 223 19.18 12.11 1.40
CA ALA B 223 19.07 10.83 2.10
C ALA B 223 20.31 9.98 1.82
N LYS B 224 20.70 9.93 0.57
CA LYS B 224 21.87 9.16 0.15
C LYS B 224 23.12 9.61 0.91
N SER B 225 23.33 10.92 0.98
CA SER B 225 24.48 11.46 1.68
C SER B 225 24.40 11.18 3.18
N ALA B 226 23.20 11.29 3.73
CA ALA B 226 22.98 11.05 5.15
C ALA B 226 23.28 9.60 5.54
N VAL B 227 22.83 8.66 4.73
CA VAL B 227 23.06 7.25 5.03
C VAL B 227 24.54 6.90 4.93
N GLU B 228 25.25 7.54 4.01
CA GLU B 228 26.67 7.28 3.87
C GLU B 228 27.42 7.76 5.11
N ALA B 229 27.03 8.94 5.61
CA ALA B 229 27.67 9.49 6.80
C ALA B 229 27.42 8.58 8.00
N LEU B 230 26.17 8.13 8.15
CA LEU B 230 25.81 7.25 9.25
C LEU B 230 26.61 5.96 9.16
N LYS B 231 26.71 5.41 7.95
CA LYS B 231 27.43 4.17 7.73
C LYS B 231 28.93 4.26 7.97
N SER B 232 29.49 5.45 7.76
CA SER B 232 30.93 5.65 7.90
C SER B 232 31.52 5.35 9.27
N LEU B 233 30.68 5.37 10.31
CA LEU B 233 31.17 5.13 11.67
C LEU B 233 31.33 3.66 12.05
N TYR B 234 30.24 2.89 11.97
CA TYR B 234 30.29 1.48 12.34
C TYR B 234 29.89 0.52 11.22
N GLY B 235 29.61 1.06 10.03
CA GLY B 235 29.22 0.22 8.91
C GLY B 235 27.75 -0.14 8.86
N THR B 236 26.95 0.48 9.73
CA THR B 236 25.51 0.20 9.76
C THR B 236 24.87 0.60 8.43
N SER B 237 24.19 -0.35 7.80
CA SER B 237 23.56 -0.11 6.52
C SER B 237 22.10 0.28 6.57
N TYR B 238 21.79 1.42 5.96
CA TYR B 238 20.43 1.95 5.89
C TYR B 238 19.99 1.98 4.45
N LYS B 239 18.69 1.77 4.23
CA LYS B 239 18.15 1.86 2.88
C LYS B 239 17.36 3.16 2.93
N TYR B 240 17.10 3.76 1.77
CA TYR B 240 16.37 5.02 1.77
C TYR B 240 15.45 5.16 0.56
N GLY B 241 14.47 6.05 0.70
CA GLY B 241 13.52 6.29 -0.38
C GLY B 241 12.25 6.86 0.22
N SER B 242 11.20 6.99 -0.60
CA SER B 242 9.95 7.52 -0.07
C SER B 242 9.32 6.46 0.80
N ILE B 243 8.49 6.87 1.75
CA ILE B 243 7.83 5.92 2.65
C ILE B 243 7.08 4.83 1.90
N ILE B 244 6.20 5.23 0.98
CA ILE B 244 5.39 4.26 0.24
C ILE B 244 6.17 3.31 -0.66
N THR B 245 7.20 3.80 -1.34
CA THR B 245 7.97 2.93 -2.22
C THR B 245 8.96 2.05 -1.48
N THR B 246 9.43 2.51 -0.32
CA THR B 246 10.38 1.74 0.46
C THR B 246 9.69 0.71 1.34
N ILE B 247 8.64 1.13 2.03
CA ILE B 247 7.89 0.22 2.88
C ILE B 247 6.55 -0.05 2.23
N TYR B 248 5.53 0.70 2.62
CA TYR B 248 4.20 0.55 2.05
C TYR B 248 3.37 1.76 2.38
N GLN B 249 2.19 1.84 1.79
CA GLN B 249 1.29 2.95 2.03
C GLN B 249 1.05 3.07 3.54
N ALA B 250 1.12 4.31 4.02
CA ALA B 250 0.92 4.62 5.43
C ALA B 250 0.37 6.04 5.48
N SER B 251 -0.81 6.21 6.06
CA SER B 251 -1.44 7.51 6.15
C SER B 251 -1.39 8.16 7.52
N GLY B 252 -1.64 9.46 7.54
CA GLY B 252 -1.63 10.22 8.79
C GLY B 252 -0.23 10.40 9.37
N GLY B 253 0.78 10.30 8.51
CA GLY B 253 2.17 10.42 8.97
C GLY B 253 2.67 11.83 9.21
N SER B 254 3.55 11.98 10.20
CA SER B 254 4.09 13.28 10.56
C SER B 254 4.87 14.02 9.48
N ILE B 255 5.78 13.35 8.77
CA ILE B 255 6.54 14.06 7.74
C ILE B 255 5.74 14.35 6.47
N ASP B 256 4.63 13.63 6.29
CA ASP B 256 3.79 13.90 5.13
C ASP B 256 3.10 15.23 5.45
N TRP B 257 2.72 15.40 6.71
CA TRP B 257 2.08 16.64 7.16
C TRP B 257 3.04 17.82 7.13
N SER B 258 4.23 17.63 7.66
CA SER B 258 5.21 18.72 7.72
C SER B 258 5.61 19.15 6.32
N TYR B 259 5.85 18.19 5.43
CA TYR B 259 6.22 18.52 4.07
C TYR B 259 5.12 19.33 3.39
N ASN B 260 3.87 18.95 3.65
CA ASN B 260 2.73 19.66 3.07
C ASN B 260 2.55 21.05 3.69
N GLN B 261 3.28 21.32 4.77
CA GLN B 261 3.23 22.62 5.43
C GLN B 261 4.30 23.53 4.82
N GLY B 262 5.06 22.98 3.88
CA GLY B 262 6.10 23.76 3.22
C GLY B 262 7.47 23.53 3.83
N ILE B 263 7.57 22.55 4.73
CA ILE B 263 8.84 22.21 5.37
C ILE B 263 9.49 21.18 4.47
N LYS B 264 10.35 21.68 3.59
CA LYS B 264 11.06 20.87 2.58
C LYS B 264 11.87 19.67 3.05
N TYR B 265 12.70 19.86 4.07
CA TYR B 265 13.55 18.78 4.57
C TYR B 265 12.88 17.94 5.65
N SER B 266 11.90 17.17 5.23
CA SER B 266 11.14 16.30 6.13
C SER B 266 11.58 14.86 5.94
N PHE B 267 12.14 14.26 6.99
CA PHE B 267 12.61 12.88 6.93
C PHE B 267 12.24 12.12 8.18
N THR B 268 12.19 10.80 8.06
CA THR B 268 11.91 9.94 9.20
C THR B 268 13.00 8.89 9.23
N PHE B 269 13.58 8.69 10.41
CA PHE B 269 14.63 7.68 10.58
C PHE B 269 14.03 6.49 11.31
N GLU B 270 14.37 5.28 10.86
CA GLU B 270 13.95 4.07 11.55
C GLU B 270 15.29 3.53 12.01
N LEU B 271 15.58 3.72 13.29
CA LEU B 271 16.86 3.30 13.85
C LEU B 271 17.19 1.82 13.84
N ARG B 272 18.30 1.53 14.50
CA ARG B 272 18.89 0.22 14.58
C ARG B 272 18.18 -1.07 14.79
N ASP B 273 18.88 -2.06 14.28
CA ASP B 273 18.48 -3.44 14.33
C ASP B 273 17.54 -3.68 13.17
N THR B 274 17.74 -4.82 12.51
CA THR B 274 16.93 -5.20 11.37
C THR B 274 16.00 -6.31 11.81
N GLY B 275 16.01 -6.63 13.10
CA GLY B 275 15.12 -7.67 13.60
C GLY B 275 15.69 -8.60 14.65
N ARG B 276 17.01 -8.61 14.83
CA ARG B 276 17.61 -9.49 15.83
C ARG B 276 16.99 -9.25 17.20
N TYR B 277 16.90 -7.98 17.59
CA TYR B 277 16.32 -7.61 18.88
C TYR B 277 15.06 -6.77 18.72
N GLY B 278 14.88 -6.20 17.53
CA GLY B 278 13.70 -5.40 17.27
C GLY B 278 13.58 -4.20 18.19
N PHE B 279 12.44 -4.12 18.89
CA PHE B 279 12.21 -3.01 19.81
C PHE B 279 13.00 -3.16 21.11
N LEU B 280 13.40 -4.40 21.41
CA LEU B 280 14.16 -4.67 22.62
C LEU B 280 15.67 -4.59 22.39
N LEU B 281 16.10 -3.52 21.72
CA LEU B 281 17.51 -3.32 21.43
C LEU B 281 18.31 -3.21 22.74
N PRO B 282 19.42 -3.97 22.86
CA PRO B 282 20.26 -3.96 24.06
C PRO B 282 20.80 -2.56 24.39
N ALA B 283 20.86 -2.24 25.68
CA ALA B 283 21.35 -0.94 26.12
C ALA B 283 22.76 -0.67 25.62
N SER B 284 23.53 -1.74 25.41
CA SER B 284 24.90 -1.63 24.94
C SER B 284 24.98 -1.03 23.53
N GLN B 285 23.84 -0.93 22.85
CA GLN B 285 23.84 -0.36 21.50
C GLN B 285 23.30 1.06 21.48
N ILE B 286 22.96 1.61 22.63
CA ILE B 286 22.43 2.98 22.69
C ILE B 286 23.42 4.01 22.18
N ILE B 287 24.58 4.10 22.82
CA ILE B 287 25.58 5.09 22.41
C ILE B 287 26.05 4.95 20.96
N PRO B 288 26.37 3.72 20.53
CA PRO B 288 26.82 3.59 19.13
C PRO B 288 25.72 4.01 18.15
N THR B 289 24.48 3.66 18.45
CA THR B 289 23.35 4.02 17.59
C THR B 289 23.20 5.54 17.52
N ALA B 290 23.24 6.19 18.68
CA ALA B 290 23.10 7.64 18.75
C ALA B 290 24.24 8.31 17.98
N GLN B 291 25.46 7.83 18.20
CA GLN B 291 26.63 8.38 17.51
C GLN B 291 26.48 8.37 16.00
N GLU B 292 26.19 7.22 15.43
CA GLU B 292 26.05 7.08 13.98
C GLU B 292 24.85 7.84 13.44
N THR B 293 23.73 7.81 14.17
CA THR B 293 22.53 8.50 13.73
C THR B 293 22.80 10.00 13.69
N TRP B 294 23.60 10.48 14.65
CA TRP B 294 23.94 11.90 14.70
C TRP B 294 24.59 12.36 13.40
N LEU B 295 25.51 11.54 12.87
CA LEU B 295 26.18 11.89 11.63
C LEU B 295 25.17 12.07 10.51
N GLY B 296 24.15 11.22 10.49
CA GLY B 296 23.14 11.32 9.47
C GLY B 296 22.30 12.58 9.61
N VAL B 297 21.89 12.87 10.85
CA VAL B 297 21.08 14.06 11.15
C VAL B 297 21.86 15.34 10.85
N LEU B 298 23.14 15.34 11.22
CA LEU B 298 24.00 16.50 10.97
C LEU B 298 24.04 16.75 9.47
N THR B 299 24.21 15.68 8.70
CA THR B 299 24.26 15.79 7.24
C THR B 299 23.03 16.51 6.71
N ILE B 300 21.86 16.17 7.25
CA ILE B 300 20.63 16.80 6.81
C ILE B 300 20.60 18.27 7.20
N MET B 301 21.03 18.57 8.42
CA MET B 301 21.06 19.96 8.90
C MET B 301 21.94 20.81 8.00
N GLU B 302 23.09 20.27 7.61
CA GLU B 302 24.03 20.99 6.76
C GLU B 302 23.41 21.34 5.41
N HIS B 303 22.60 20.43 4.85
CA HIS B 303 21.95 20.68 3.57
C HIS B 303 20.79 21.66 3.73
N THR B 304 20.41 21.92 4.97
CA THR B 304 19.31 22.83 5.27
C THR B 304 19.79 24.26 5.43
N VAL B 305 20.93 24.43 6.11
CA VAL B 305 21.49 25.76 6.35
C VAL B 305 22.09 26.37 5.08
N ASN B 306 22.45 25.52 4.12
CA ASN B 306 23.04 26.00 2.87
C ASN B 306 22.03 26.03 1.72
N ASN B 307 20.92 25.32 1.87
CA ASN B 307 19.90 25.28 0.83
C ASN B 307 18.52 25.43 1.44
N ALA C 1 -21.35 35.12 -17.84
CA ALA C 1 -22.56 34.35 -17.41
C ALA C 1 -22.40 33.88 -15.97
N ARG C 2 -23.47 34.02 -15.18
CA ARG C 2 -23.44 33.62 -13.78
C ARG C 2 -24.20 32.32 -13.48
N SER C 3 -24.46 31.52 -14.52
CA SER C 3 -25.19 30.27 -14.34
C SER C 3 -24.93 29.26 -15.44
N THR C 4 -24.79 27.99 -15.08
CA THR C 4 -24.54 26.96 -16.07
C THR C 4 -25.79 26.82 -16.95
N ASN C 5 -26.87 27.45 -16.52
CA ASN C 5 -28.12 27.44 -17.26
C ASN C 5 -28.13 28.47 -18.40
N THR C 6 -27.17 29.39 -18.37
CA THR C 6 -27.07 30.42 -19.42
C THR C 6 -25.76 30.27 -20.17
N PHE C 7 -25.01 29.24 -19.79
CA PHE C 7 -23.72 28.93 -20.40
C PHE C 7 -23.95 28.52 -21.86
N ASN C 8 -23.10 29.02 -22.77
CA ASN C 8 -23.25 28.67 -24.18
C ASN C 8 -22.48 27.40 -24.49
N TYR C 9 -23.20 26.28 -24.54
CA TYR C 9 -22.62 24.97 -24.82
C TYR C 9 -22.37 24.75 -26.31
N ALA C 10 -22.86 25.67 -27.13
CA ALA C 10 -22.71 25.57 -28.58
C ALA C 10 -21.55 26.38 -29.13
N THR C 11 -20.59 26.71 -28.28
CA THR C 11 -19.44 27.48 -28.73
C THR C 11 -18.22 26.97 -27.97
N TYR C 12 -17.04 27.20 -28.52
CA TYR C 12 -15.79 26.77 -27.90
C TYR C 12 -15.36 27.80 -26.86
N HIS C 13 -14.81 27.34 -25.75
CA HIS C 13 -14.39 28.22 -24.68
C HIS C 13 -12.90 28.18 -24.34
N THR C 14 -12.47 29.16 -23.55
CA THR C 14 -11.09 29.28 -23.12
C THR C 14 -10.92 28.49 -21.84
N LEU C 15 -9.68 28.34 -21.39
CA LEU C 15 -9.38 27.62 -20.16
C LEU C 15 -10.09 28.30 -18.98
N ASP C 16 -10.00 29.62 -18.91
CA ASP C 16 -10.62 30.36 -17.83
C ASP C 16 -12.14 30.16 -17.78
N GLU C 17 -12.78 30.19 -18.94
CA GLU C 17 -14.22 30.02 -19.00
C GLU C 17 -14.65 28.65 -18.53
N ILE C 18 -13.87 27.63 -18.90
CA ILE C 18 -14.18 26.27 -18.48
C ILE C 18 -13.97 26.13 -16.97
N TYR C 19 -12.86 26.67 -16.46
CA TYR C 19 -12.58 26.60 -15.04
C TYR C 19 -13.66 27.34 -14.24
N ASP C 20 -14.15 28.45 -14.78
CA ASP C 20 -15.21 29.18 -14.11
C ASP C 20 -16.49 28.36 -14.16
N PHE C 21 -16.70 27.66 -15.28
CA PHE C 21 -17.87 26.80 -15.45
C PHE C 21 -17.90 25.77 -14.33
N MET C 22 -16.75 25.18 -14.04
CA MET C 22 -16.64 24.17 -12.99
C MET C 22 -17.17 24.68 -11.65
N ASP C 23 -16.75 25.88 -11.28
CA ASP C 23 -17.19 26.45 -10.00
C ASP C 23 -18.69 26.73 -9.97
N LEU C 24 -19.24 27.18 -11.10
CA LEU C 24 -20.66 27.46 -11.17
C LEU C 24 -21.44 26.16 -10.94
N LEU C 25 -21.02 25.10 -11.60
CA LEU C 25 -21.69 23.82 -11.49
C LEU C 25 -21.65 23.28 -10.06
N VAL C 26 -20.50 23.42 -9.41
CA VAL C 26 -20.32 22.96 -8.04
C VAL C 26 -21.21 23.77 -7.10
N ALA C 27 -21.28 25.07 -7.33
CA ALA C 27 -22.08 25.95 -6.50
C ALA C 27 -23.57 25.64 -6.63
N GLU C 28 -23.99 25.22 -7.82
CA GLU C 28 -25.39 24.89 -8.10
C GLU C 28 -25.81 23.48 -7.70
N HIS C 29 -24.86 22.56 -7.69
CA HIS C 29 -25.13 21.16 -7.35
C HIS C 29 -24.10 20.66 -6.35
N PRO C 30 -23.98 21.33 -5.19
CA PRO C 30 -23.02 20.96 -4.14
C PRO C 30 -23.13 19.55 -3.57
N GLN C 31 -24.33 18.97 -3.63
CA GLN C 31 -24.55 17.64 -3.10
C GLN C 31 -24.15 16.54 -4.06
N LEU C 32 -23.86 16.90 -5.31
CA LEU C 32 -23.52 15.92 -6.32
C LEU C 32 -22.13 16.10 -6.93
N VAL C 33 -21.71 17.35 -7.09
CA VAL C 33 -20.42 17.64 -7.72
C VAL C 33 -19.42 18.38 -6.84
N SER C 34 -18.15 18.00 -6.97
CA SER C 34 -17.08 18.65 -6.22
C SER C 34 -15.88 18.80 -7.15
N LYS C 35 -15.09 19.85 -6.94
CA LYS C 35 -13.90 20.09 -7.77
C LYS C 35 -12.63 19.68 -7.04
N LEU C 36 -11.85 18.79 -7.64
CA LEU C 36 -10.60 18.31 -7.05
C LEU C 36 -9.41 18.75 -7.89
N GLN C 37 -8.36 19.21 -7.23
CA GLN C 37 -7.14 19.59 -7.96
C GLN C 37 -6.20 18.40 -7.78
N ILE C 38 -5.90 17.72 -8.88
CA ILE C 38 -5.04 16.54 -8.77
C ILE C 38 -3.58 16.79 -9.05
N GLY C 39 -3.22 18.04 -9.35
CA GLY C 39 -1.84 18.38 -9.61
C GLY C 39 -1.68 19.76 -10.21
N ARG C 40 -0.48 20.05 -10.69
CA ARG C 40 -0.17 21.31 -11.32
C ARG C 40 0.55 21.00 -12.63
N SER C 41 0.13 21.68 -13.70
CA SER C 41 0.73 21.47 -15.02
C SER C 41 2.18 21.91 -15.01
N TYR C 42 2.90 21.63 -16.10
CA TYR C 42 4.29 22.03 -16.21
C TYR C 42 4.45 23.53 -15.94
N GLU C 43 3.54 24.32 -16.48
CA GLU C 43 3.61 25.77 -16.28
C GLU C 43 2.87 26.25 -15.04
N GLY C 44 2.62 25.31 -14.13
CA GLY C 44 1.97 25.63 -12.87
C GLY C 44 0.47 25.84 -12.79
N ARG C 45 -0.26 25.57 -13.86
CA ARG C 45 -1.70 25.75 -13.82
C ARG C 45 -2.35 24.59 -13.07
N PRO C 46 -3.39 24.87 -12.28
CA PRO C 46 -4.06 23.79 -11.54
C PRO C 46 -4.71 22.81 -12.50
N ILE C 47 -4.67 21.53 -12.15
CA ILE C 47 -5.28 20.48 -12.97
C ILE C 47 -6.50 20.00 -12.19
N TYR C 48 -7.68 20.25 -12.75
CA TYR C 48 -8.93 19.91 -12.08
C TYR C 48 -9.71 18.71 -12.61
N VAL C 49 -10.34 18.02 -11.67
CA VAL C 49 -11.18 16.87 -11.95
C VAL C 49 -12.51 17.10 -11.27
N LEU C 50 -13.61 16.88 -11.97
CA LEU C 50 -14.92 17.05 -11.37
C LEU C 50 -15.40 15.69 -10.88
N LYS C 51 -15.70 15.60 -9.60
CA LYS C 51 -16.16 14.36 -9.01
C LYS C 51 -17.68 14.41 -8.87
N PHE C 52 -18.35 13.39 -9.41
CA PHE C 52 -19.80 13.28 -9.31
C PHE C 52 -20.03 12.08 -8.41
N SER C 53 -20.72 12.32 -7.30
CA SER C 53 -20.97 11.25 -6.34
C SER C 53 -22.22 11.54 -5.52
N THR C 54 -22.96 10.50 -5.16
CA THR C 54 -24.17 10.65 -4.36
C THR C 54 -23.88 10.18 -2.93
N GLY C 55 -22.60 9.90 -2.66
CA GLY C 55 -22.21 9.46 -1.33
C GLY C 55 -21.26 8.29 -1.34
N GLY C 56 -21.30 7.51 -0.26
CA GLY C 56 -20.44 6.34 -0.15
C GLY C 56 -19.00 6.63 0.16
N SER C 57 -18.22 5.56 0.29
CA SER C 57 -16.80 5.66 0.59
C SER C 57 -15.99 4.90 -0.44
N ASN C 58 -15.23 5.62 -1.27
CA ASN C 58 -14.40 4.99 -2.29
C ASN C 58 -15.23 4.05 -3.17
N ARG C 59 -16.39 4.54 -3.61
CA ARG C 59 -17.27 3.74 -4.46
C ARG C 59 -16.64 3.42 -5.80
N PRO C 60 -17.02 2.29 -6.41
CA PRO C 60 -16.46 1.90 -7.72
C PRO C 60 -16.58 3.12 -8.60
N ALA C 61 -15.53 3.41 -9.37
CA ALA C 61 -15.56 4.61 -10.19
C ALA C 61 -15.31 4.46 -11.67
N ILE C 62 -15.73 5.49 -12.38
CA ILE C 62 -15.58 5.58 -13.82
C ILE C 62 -14.72 6.82 -14.06
N TRP C 63 -13.62 6.64 -14.80
CA TRP C 63 -12.74 7.77 -15.11
C TRP C 63 -12.93 8.21 -16.55
N ILE C 64 -13.00 9.52 -16.75
CA ILE C 64 -13.15 10.07 -18.09
C ILE C 64 -12.21 11.26 -18.25
N ASP C 65 -11.29 11.17 -19.19
CA ASP C 65 -10.36 12.26 -19.43
C ASP C 65 -10.54 12.75 -20.85
N LEU C 66 -10.48 14.07 -21.01
CA LEU C 66 -10.65 14.68 -22.33
C LEU C 66 -9.60 15.75 -22.50
N GLY C 67 -9.30 16.09 -23.75
CA GLY C 67 -8.33 17.13 -24.01
C GLY C 67 -6.87 16.86 -23.70
N ILE C 68 -6.46 15.60 -23.66
CA ILE C 68 -5.06 15.30 -23.38
C ILE C 68 -4.23 15.82 -24.57
N HIS C 69 -4.86 15.89 -25.74
CA HIS C 69 -4.24 16.43 -26.95
C HIS C 69 -4.98 17.75 -27.13
N SER C 70 -4.31 18.84 -26.75
CA SER C 70 -4.91 20.17 -26.77
C SER C 70 -5.74 20.65 -27.96
N ARG C 71 -5.31 20.36 -29.18
CA ARG C 71 -6.01 20.81 -30.38
C ARG C 71 -7.35 20.13 -30.64
N GLU C 72 -7.61 19.04 -29.94
CA GLU C 72 -8.85 18.29 -30.13
C GLU C 72 -10.00 18.95 -29.34
N TRP C 73 -10.23 20.23 -29.64
CA TRP C 73 -11.24 21.06 -29.00
C TRP C 73 -12.62 20.45 -28.81
N ILE C 74 -13.04 19.61 -29.74
CA ILE C 74 -14.36 19.01 -29.60
C ILE C 74 -14.45 18.18 -28.33
N THR C 75 -13.31 17.67 -27.84
CA THR C 75 -13.33 16.86 -26.63
C THR C 75 -13.59 17.70 -25.37
N GLN C 76 -12.85 18.79 -25.19
CA GLN C 76 -13.09 19.62 -24.00
C GLN C 76 -14.51 20.19 -24.02
N ALA C 77 -15.00 20.55 -25.20
CA ALA C 77 -16.34 21.09 -25.33
C ALA C 77 -17.37 20.01 -24.97
N THR C 78 -17.03 18.78 -25.28
CA THR C 78 -17.92 17.65 -24.98
C THR C 78 -17.85 17.38 -23.48
N GLY C 79 -16.68 17.61 -22.89
CA GLY C 79 -16.51 17.40 -21.46
C GLY C 79 -17.41 18.35 -20.67
N VAL C 80 -17.50 19.59 -21.11
CA VAL C 80 -18.33 20.58 -20.44
C VAL C 80 -19.80 20.17 -20.53
N TRP C 81 -20.22 19.72 -21.71
CA TRP C 81 -21.60 19.30 -21.91
C TRP C 81 -21.88 18.08 -21.02
N PHE C 82 -20.91 17.19 -20.94
CA PHE C 82 -21.03 16.00 -20.11
C PHE C 82 -21.32 16.36 -18.66
N ALA C 83 -20.52 17.28 -18.12
CA ALA C 83 -20.67 17.73 -16.74
C ALA C 83 -22.08 18.21 -16.46
N LYS C 84 -22.59 19.06 -17.35
CA LYS C 84 -23.95 19.59 -17.20
C LYS C 84 -24.96 18.47 -17.33
N LYS C 85 -24.76 17.62 -18.33
CA LYS C 85 -25.66 16.49 -18.56
C LYS C 85 -25.86 15.63 -17.31
N PHE C 86 -24.78 15.33 -16.59
CA PHE C 86 -24.88 14.50 -15.39
C PHE C 86 -25.79 15.14 -14.34
N THR C 87 -25.69 16.46 -14.17
CA THR C 87 -26.50 17.16 -13.18
C THR C 87 -27.96 17.25 -13.60
N GLU C 88 -28.21 17.17 -14.89
CA GLU C 88 -29.58 17.25 -15.41
C GLU C 88 -30.28 15.89 -15.36
N ASP C 89 -29.53 14.83 -15.66
CA ASP C 89 -30.10 13.49 -15.69
C ASP C 89 -30.18 12.72 -14.39
N TYR C 90 -29.34 13.04 -13.41
CA TYR C 90 -29.44 12.31 -12.14
C TYR C 90 -30.79 12.64 -11.52
N GLY C 91 -31.61 11.62 -11.32
CA GLY C 91 -32.93 11.82 -10.74
C GLY C 91 -33.99 11.93 -11.82
N GLN C 92 -33.58 11.89 -13.08
CA GLN C 92 -34.51 12.00 -14.21
C GLN C 92 -34.46 10.76 -15.08
N ASP C 93 -33.25 10.29 -15.41
CA ASP C 93 -33.10 9.08 -16.24
C ASP C 93 -32.80 7.90 -15.31
N PRO C 94 -33.70 6.90 -15.28
CA PRO C 94 -33.54 5.72 -14.43
C PRO C 94 -32.15 5.08 -14.50
N SER C 95 -31.66 4.85 -15.71
CA SER C 95 -30.36 4.23 -15.90
C SER C 95 -29.22 5.05 -15.33
N PHE C 96 -29.13 6.32 -15.71
CA PHE C 96 -28.04 7.15 -15.20
C PHE C 96 -28.15 7.28 -13.69
N THR C 97 -29.37 7.43 -13.19
CA THR C 97 -29.58 7.57 -11.75
C THR C 97 -29.04 6.33 -11.02
N ALA C 98 -29.32 5.16 -11.57
CA ALA C 98 -28.86 3.91 -10.97
C ALA C 98 -27.33 3.84 -10.94
N ILE C 99 -26.70 4.33 -11.99
CA ILE C 99 -25.24 4.33 -12.06
C ILE C 99 -24.64 5.22 -10.97
N LEU C 100 -25.18 6.42 -10.80
CA LEU C 100 -24.66 7.35 -9.81
C LEU C 100 -25.04 7.00 -8.37
N ASP C 101 -26.05 6.16 -8.19
CA ASP C 101 -26.46 5.76 -6.85
C ASP C 101 -25.52 4.69 -6.30
N SER C 102 -24.73 4.08 -7.18
CA SER C 102 -23.80 3.04 -6.76
C SER C 102 -22.35 3.33 -7.17
N MET C 103 -22.16 4.26 -8.10
CA MET C 103 -20.82 4.58 -8.58
C MET C 103 -20.49 6.07 -8.63
N ASP C 104 -19.19 6.37 -8.68
CA ASP C 104 -18.72 7.75 -8.78
C ASP C 104 -18.12 7.93 -10.16
N ILE C 105 -18.19 9.16 -10.67
CA ILE C 105 -17.63 9.48 -11.97
C ILE C 105 -16.65 10.63 -11.81
N PHE C 106 -15.44 10.46 -12.31
CA PHE C 106 -14.44 11.51 -12.23
C PHE C 106 -14.18 12.02 -13.65
N LEU C 107 -14.47 13.30 -13.87
CA LEU C 107 -14.33 13.90 -15.19
C LEU C 107 -13.22 14.96 -15.27
N GLU C 108 -12.24 14.73 -16.13
CA GLU C 108 -11.16 15.71 -16.31
C GLU C 108 -11.36 16.32 -17.69
N ILE C 109 -11.96 17.51 -17.72
CA ILE C 109 -12.27 18.20 -18.96
C ILE C 109 -11.05 18.71 -19.75
N VAL C 110 -10.04 19.22 -19.05
CA VAL C 110 -8.83 19.71 -19.70
C VAL C 110 -7.62 19.03 -19.11
N THR C 111 -7.27 17.86 -19.63
CA THR C 111 -6.13 17.11 -19.13
C THR C 111 -4.78 17.76 -19.43
N ASN C 112 -4.74 18.61 -20.46
CA ASN C 112 -3.51 19.29 -20.87
C ASN C 112 -3.82 20.80 -20.96
N PRO C 113 -3.91 21.48 -19.81
CA PRO C 113 -4.21 22.91 -19.77
C PRO C 113 -3.17 23.83 -20.41
N ASP C 114 -1.89 23.52 -20.27
CA ASP C 114 -0.86 24.36 -20.86
C ASP C 114 -1.01 24.37 -22.38
N GLY C 115 -1.20 23.17 -22.94
CA GLY C 115 -1.37 23.06 -24.37
C GLY C 115 -2.65 23.73 -24.79
N PHE C 116 -3.71 23.57 -23.99
CA PHE C 116 -4.99 24.18 -24.33
C PHE C 116 -4.82 25.69 -24.42
N ALA C 117 -4.16 26.27 -23.43
CA ALA C 117 -3.94 27.71 -23.43
C ALA C 117 -3.12 28.10 -24.67
N PHE C 118 -2.21 27.23 -25.07
CA PHE C 118 -1.35 27.50 -26.23
C PHE C 118 -2.16 27.47 -27.52
N THR C 119 -3.17 26.60 -27.59
CA THR C 119 -3.99 26.51 -28.80
C THR C 119 -4.86 27.74 -28.96
N HIS C 120 -5.04 28.46 -27.86
CA HIS C 120 -5.86 29.66 -27.86
C HIS C 120 -5.02 30.91 -28.10
N SER C 121 -3.75 30.84 -27.67
CA SER C 121 -2.84 31.97 -27.77
C SER C 121 -1.80 32.00 -28.88
N GLN C 122 -1.24 30.85 -29.22
CA GLN C 122 -0.18 30.83 -30.22
C GLN C 122 -0.33 29.90 -31.41
N ASN C 123 -0.79 28.68 -31.17
CA ASN C 123 -0.89 27.69 -32.24
C ASN C 123 -2.11 26.82 -32.04
N ARG C 124 -3.16 27.08 -32.82
CA ARG C 124 -4.40 26.32 -32.72
C ARG C 124 -4.23 24.81 -32.87
N LEU C 125 -3.19 24.39 -33.59
CA LEU C 125 -2.95 22.96 -33.82
C LEU C 125 -1.92 22.28 -32.91
N TRP C 126 -1.52 22.96 -31.83
CA TRP C 126 -0.55 22.36 -30.91
C TRP C 126 -1.24 21.18 -30.21
N ARG C 127 -0.53 20.06 -30.06
CA ARG C 127 -1.12 18.88 -29.44
C ARG C 127 -0.38 18.34 -28.21
N LYS C 128 0.90 18.66 -28.10
CA LYS C 128 1.70 18.16 -26.99
C LYS C 128 1.60 19.01 -25.73
N THR C 129 2.35 18.63 -24.71
CA THR C 129 2.40 19.38 -23.47
C THR C 129 3.31 20.57 -23.78
N ARG C 130 3.67 21.35 -22.77
CA ARG C 130 4.55 22.50 -22.97
C ARG C 130 5.84 22.39 -22.15
N SER C 131 6.22 21.17 -21.80
CA SER C 131 7.44 20.97 -21.01
C SER C 131 8.68 21.32 -21.84
N VAL C 132 9.68 21.89 -21.19
CA VAL C 132 10.92 22.26 -21.88
C VAL C 132 11.95 21.15 -21.78
N THR C 133 12.55 20.81 -22.91
CA THR C 133 13.56 19.74 -22.95
C THR C 133 14.96 20.33 -22.77
N SER C 134 15.74 19.69 -21.92
CA SER C 134 17.12 20.11 -21.62
C SER C 134 17.92 20.57 -22.83
N SER C 135 18.33 19.62 -23.67
CA SER C 135 19.12 19.94 -24.86
C SER C 135 18.30 19.91 -26.14
N SER C 136 17.36 20.84 -26.26
CA SER C 136 16.51 20.90 -27.45
C SER C 136 15.75 22.22 -27.53
N LEU C 137 15.56 22.71 -28.75
CA LEU C 137 14.84 23.95 -28.97
C LEU C 137 13.35 23.66 -29.14
N CYS C 138 13.00 22.39 -29.19
CA CYS C 138 11.61 21.98 -29.34
C CYS C 138 10.94 21.83 -27.97
N VAL C 139 9.62 22.00 -27.95
CA VAL C 139 8.87 21.94 -26.71
C VAL C 139 7.75 20.90 -26.69
N GLY C 140 7.49 20.36 -25.51
CA GLY C 140 6.40 19.41 -25.34
C GLY C 140 6.60 17.94 -25.63
N VAL C 141 5.66 17.16 -25.08
CA VAL C 141 5.63 15.72 -25.22
C VAL C 141 4.21 15.29 -25.58
N ASP C 142 4.09 14.18 -26.31
CA ASP C 142 2.77 13.66 -26.67
C ASP C 142 2.33 12.94 -25.40
N ALA C 143 1.50 13.61 -24.61
CA ALA C 143 1.04 13.04 -23.36
C ALA C 143 0.41 11.66 -23.49
N ASN C 144 -0.17 11.34 -24.65
CA ASN C 144 -0.77 10.01 -24.79
C ASN C 144 0.20 8.95 -25.32
N ARG C 145 1.50 9.22 -25.17
CA ARG C 145 2.53 8.28 -25.59
C ARG C 145 3.55 8.24 -24.47
N ASN C 146 3.17 8.87 -23.35
CA ASN C 146 4.04 8.99 -22.18
C ASN C 146 3.66 8.07 -21.02
N TRP C 147 2.62 7.27 -21.18
CA TRP C 147 2.16 6.37 -20.12
C TRP C 147 3.05 5.13 -20.02
N ASP C 148 3.11 4.53 -18.84
CA ASP C 148 3.93 3.35 -18.65
C ASP C 148 3.25 2.07 -19.12
N ALA C 149 3.16 1.94 -20.44
CA ALA C 149 2.57 0.77 -21.08
C ALA C 149 3.28 0.70 -22.42
N GLY C 150 4.29 -0.16 -22.50
CA GLY C 150 5.06 -0.28 -23.72
C GLY C 150 5.77 1.03 -23.99
N PHE C 151 6.10 1.75 -22.93
CA PHE C 151 6.76 3.04 -23.09
C PHE C 151 8.08 2.94 -23.84
N GLY C 152 8.26 3.79 -24.84
CA GLY C 152 9.49 3.80 -25.60
C GLY C 152 9.56 2.80 -26.73
N LYS C 153 8.54 1.96 -26.87
CA LYS C 153 8.54 0.96 -27.93
C LYS C 153 7.93 1.52 -29.21
N ALA C 154 8.03 0.73 -30.28
CA ALA C 154 7.51 1.11 -31.59
C ALA C 154 6.11 1.71 -31.44
N GLY C 155 5.85 2.81 -32.16
CA GLY C 155 4.56 3.46 -32.06
C GLY C 155 4.66 4.81 -31.37
N ALA C 156 5.88 5.33 -31.27
CA ALA C 156 6.15 6.62 -30.65
C ALA C 156 7.55 7.05 -31.07
N SER C 157 7.85 8.33 -30.90
CA SER C 157 9.17 8.86 -31.29
C SER C 157 10.03 9.26 -30.10
N SER C 158 11.34 9.04 -30.22
CA SER C 158 12.27 9.40 -29.14
C SER C 158 12.90 10.77 -29.44
N SER C 159 12.44 11.41 -30.50
CA SER C 159 12.95 12.73 -30.89
C SER C 159 12.08 13.86 -30.32
N PRO C 160 12.64 14.69 -29.44
CA PRO C 160 11.94 15.80 -28.81
C PRO C 160 11.16 16.70 -29.77
N CYS C 161 11.66 16.85 -30.98
CA CYS C 161 11.00 17.69 -31.96
C CYS C 161 9.80 17.07 -32.63
N SER C 162 9.66 15.76 -32.51
CA SER C 162 8.54 15.06 -33.11
C SER C 162 7.21 15.36 -32.43
N GLU C 163 6.14 15.34 -33.23
CA GLU C 163 4.79 15.59 -32.73
C GLU C 163 4.31 14.41 -31.89
N THR C 164 5.01 13.29 -31.99
CA THR C 164 4.65 12.09 -31.25
C THR C 164 5.76 11.67 -30.29
N TYR C 165 6.56 12.64 -29.85
CA TYR C 165 7.65 12.38 -28.91
C TYR C 165 7.09 11.81 -27.60
N HIS C 166 7.62 10.68 -27.16
CA HIS C 166 7.14 10.05 -25.92
C HIS C 166 7.69 10.61 -24.62
N GLY C 167 8.72 11.45 -24.69
CA GLY C 167 9.28 12.01 -23.46
C GLY C 167 10.49 11.23 -22.94
N LYS C 168 11.14 11.78 -21.91
CA LYS C 168 12.33 11.17 -21.33
C LYS C 168 12.11 9.79 -20.70
N TYR C 169 10.98 9.62 -20.05
CA TYR C 169 10.68 8.33 -19.41
C TYR C 169 9.19 8.28 -19.10
N ALA C 170 8.67 7.08 -18.89
CA ALA C 170 7.25 6.92 -18.61
C ALA C 170 6.82 7.80 -17.43
N ASN C 171 5.72 8.53 -17.62
CA ASN C 171 5.17 9.41 -16.58
C ASN C 171 5.97 10.69 -16.35
N SER C 172 6.86 11.03 -17.28
CA SER C 172 7.69 12.23 -17.15
C SER C 172 6.81 13.49 -17.12
N GLU C 173 5.71 13.46 -17.85
CA GLU C 173 4.80 14.59 -17.89
C GLU C 173 3.89 14.60 -16.67
N VAL C 174 3.90 15.70 -15.93
CA VAL C 174 3.08 15.81 -14.73
C VAL C 174 1.60 15.65 -15.04
N GLU C 175 1.19 16.03 -16.25
CA GLU C 175 -0.21 15.91 -16.63
C GLU C 175 -0.65 14.45 -16.64
N VAL C 176 0.29 13.56 -16.96
CA VAL C 176 0.03 12.13 -17.00
C VAL C 176 0.18 11.52 -15.61
N LYS C 177 1.29 11.82 -14.96
CA LYS C 177 1.57 11.31 -13.63
C LYS C 177 0.46 11.66 -12.64
N SER C 178 -0.13 12.84 -12.79
CA SER C 178 -1.20 13.27 -11.89
C SER C 178 -2.40 12.32 -11.95
N ILE C 179 -2.71 11.81 -13.14
CA ILE C 179 -3.82 10.89 -13.30
C ILE C 179 -3.42 9.53 -12.75
N VAL C 180 -2.20 9.11 -13.06
CA VAL C 180 -1.69 7.82 -12.61
C VAL C 180 -1.74 7.73 -11.09
N ASP C 181 -1.23 8.75 -10.41
CA ASP C 181 -1.22 8.73 -8.95
C ASP C 181 -2.64 8.72 -8.39
N PHE C 182 -3.52 9.54 -8.95
CA PHE C 182 -4.89 9.61 -8.46
C PHE C 182 -5.59 8.27 -8.60
N VAL C 183 -5.52 7.69 -9.79
CA VAL C 183 -6.16 6.41 -10.05
C VAL C 183 -5.56 5.30 -9.22
N LYS C 184 -4.23 5.29 -9.08
CA LYS C 184 -3.58 4.26 -8.28
C LYS C 184 -3.98 4.38 -6.81
N ASP C 185 -3.95 5.60 -6.27
CA ASP C 185 -4.32 5.82 -4.88
C ASP C 185 -5.78 5.45 -4.62
N HIS C 186 -6.64 5.73 -5.60
CA HIS C 186 -8.08 5.43 -5.47
C HIS C 186 -8.28 3.93 -5.38
N GLY C 187 -7.68 3.21 -6.32
CA GLY C 187 -7.75 1.75 -6.33
C GLY C 187 -9.08 1.08 -6.62
N ASN C 188 -10.13 1.84 -6.87
CA ASN C 188 -11.41 1.22 -7.16
C ASN C 188 -12.10 1.69 -8.43
N PHE C 189 -11.30 1.98 -9.47
CA PHE C 189 -11.85 2.40 -10.76
C PHE C 189 -12.22 1.15 -11.56
N LYS C 190 -13.39 1.17 -12.19
CA LYS C 190 -13.86 0.02 -12.96
C LYS C 190 -13.86 0.29 -14.45
N ALA C 191 -13.86 1.57 -14.83
CA ALA C 191 -13.83 1.97 -16.22
C ALA C 191 -12.90 3.17 -16.37
N PHE C 192 -12.21 3.23 -17.50
CA PHE C 192 -11.28 4.32 -17.78
C PHE C 192 -11.50 4.68 -19.24
N LEU C 193 -12.09 5.86 -19.47
CA LEU C 193 -12.38 6.31 -20.82
C LEU C 193 -11.59 7.56 -21.20
N SER C 194 -10.87 7.50 -22.31
CA SER C 194 -10.07 8.62 -22.80
C SER C 194 -10.73 9.13 -24.06
N ILE C 195 -11.05 10.43 -24.09
CA ILE C 195 -11.73 11.02 -25.24
C ILE C 195 -10.83 11.87 -26.14
N HIS C 196 -10.77 11.53 -27.42
CA HIS C 196 -9.93 12.22 -28.40
C HIS C 196 -10.75 12.64 -29.60
N SER C 197 -10.13 13.29 -30.58
CA SER C 197 -10.93 13.70 -31.71
C SER C 197 -10.57 13.30 -33.13
N TYR C 198 -11.66 13.05 -33.84
CA TYR C 198 -11.74 12.68 -35.23
C TYR C 198 -11.09 11.41 -35.76
N SER C 199 -11.95 10.69 -36.45
CA SER C 199 -11.71 9.41 -37.10
C SER C 199 -12.98 8.61 -36.80
N GLN C 200 -13.70 9.02 -35.75
CA GLN C 200 -14.93 8.35 -35.34
C GLN C 200 -14.68 6.87 -35.08
N LEU C 201 -13.94 6.62 -34.01
CA LEU C 201 -13.56 5.27 -33.61
C LEU C 201 -13.77 5.06 -32.12
N LEU C 202 -14.00 3.80 -31.74
CA LEU C 202 -14.14 3.39 -30.35
C LEU C 202 -13.18 2.22 -30.28
N LEU C 203 -12.09 2.41 -29.54
CA LEU C 203 -11.07 1.37 -29.45
C LEU C 203 -10.86 0.81 -28.06
N TYR C 204 -10.44 -0.44 -28.00
CA TYR C 204 -10.14 -1.06 -26.73
C TYR C 204 -8.66 -1.44 -26.72
N PRO C 205 -8.10 -1.68 -25.52
CA PRO C 205 -6.73 -2.04 -25.20
C PRO C 205 -5.77 -2.67 -26.15
N TYR C 206 -4.56 -2.13 -26.00
CA TYR C 206 -3.37 -2.47 -26.73
C TYR C 206 -3.19 -1.92 -28.13
N GLY C 207 -2.36 -0.88 -28.15
CA GLY C 207 -1.98 -0.22 -29.36
C GLY C 207 -0.49 -0.53 -29.47
N TYR C 208 0.14 -0.80 -28.33
CA TYR C 208 1.59 -1.09 -28.34
C TYR C 208 1.95 -2.53 -28.68
N THR C 209 0.98 -3.45 -28.57
CA THR C 209 1.24 -4.85 -28.86
C THR C 209 0.05 -5.52 -29.57
N THR C 210 0.35 -6.49 -30.43
CA THR C 210 -0.67 -7.22 -31.16
C THR C 210 -1.30 -8.29 -30.26
N GLN C 211 -0.74 -8.46 -29.07
CA GLN C 211 -1.25 -9.43 -28.11
C GLN C 211 -2.72 -9.10 -27.83
N SER C 212 -3.58 -10.10 -27.90
CA SER C 212 -5.02 -9.90 -27.64
C SER C 212 -5.29 -9.94 -26.15
N ILE C 213 -6.05 -8.95 -25.66
CA ILE C 213 -6.36 -8.90 -24.22
C ILE C 213 -7.29 -10.04 -23.79
N PRO C 214 -7.21 -10.43 -22.51
CA PRO C 214 -8.05 -11.50 -21.97
C PRO C 214 -9.56 -11.24 -22.09
N ASP C 215 -9.94 -9.96 -22.05
CA ASP C 215 -11.34 -9.57 -22.13
C ASP C 215 -11.73 -9.06 -23.50
N LYS C 216 -11.03 -9.52 -24.52
CA LYS C 216 -11.28 -9.08 -25.89
C LYS C 216 -12.72 -9.27 -26.35
N THR C 217 -13.28 -10.46 -26.11
CA THR C 217 -14.65 -10.75 -26.54
C THR C 217 -15.68 -9.81 -25.90
N GLU C 218 -15.56 -9.57 -24.60
CA GLU C 218 -16.50 -8.70 -23.91
C GLU C 218 -16.35 -7.24 -24.32
N LEU C 219 -15.12 -6.74 -24.35
CA LEU C 219 -14.92 -5.35 -24.71
C LEU C 219 -15.36 -5.08 -26.15
N ASN C 220 -15.13 -6.03 -27.03
CA ASN C 220 -15.51 -5.85 -28.43
C ASN C 220 -17.04 -5.73 -28.55
N GLN C 221 -17.77 -6.52 -27.78
CA GLN C 221 -19.23 -6.48 -27.82
C GLN C 221 -19.71 -5.21 -27.16
N VAL C 222 -19.07 -4.82 -26.06
CA VAL C 222 -19.47 -3.58 -25.40
C VAL C 222 -19.25 -2.45 -26.40
N ALA C 223 -18.14 -2.51 -27.13
CA ALA C 223 -17.86 -1.48 -28.12
C ALA C 223 -18.94 -1.47 -29.20
N LYS C 224 -19.29 -2.65 -29.70
CA LYS C 224 -20.32 -2.75 -30.72
C LYS C 224 -21.62 -2.12 -30.23
N SER C 225 -22.00 -2.41 -28.98
CA SER C 225 -23.22 -1.86 -28.41
C SER C 225 -23.13 -0.34 -28.26
N ALA C 226 -21.97 0.13 -27.82
CA ALA C 226 -21.76 1.56 -27.64
C ALA C 226 -21.86 2.34 -28.95
N VAL C 227 -21.27 1.81 -30.01
CA VAL C 227 -21.33 2.48 -31.32
C VAL C 227 -22.74 2.46 -31.90
N GLU C 228 -23.50 1.40 -31.61
CA GLU C 228 -24.86 1.33 -32.11
C GLU C 228 -25.71 2.40 -31.42
N ALA C 229 -25.51 2.57 -30.12
CA ALA C 229 -26.25 3.58 -29.35
C ALA C 229 -25.89 4.97 -29.88
N LEU C 230 -24.59 5.20 -30.03
CA LEU C 230 -24.11 6.50 -30.53
C LEU C 230 -24.72 6.80 -31.90
N LYS C 231 -24.69 5.82 -32.78
CA LYS C 231 -25.22 5.99 -34.14
C LYS C 231 -26.72 6.24 -34.18
N SER C 232 -27.44 5.67 -33.22
CA SER C 232 -28.90 5.77 -33.16
C SER C 232 -29.48 7.18 -33.09
N LEU C 233 -28.67 8.16 -32.76
CA LEU C 233 -29.18 9.51 -32.64
C LEU C 233 -29.19 10.28 -33.96
N TYR C 234 -28.03 10.36 -34.61
CA TYR C 234 -27.92 11.11 -35.87
C TYR C 234 -27.39 10.28 -37.03
N GLY C 235 -27.11 9.01 -36.78
CA GLY C 235 -26.61 8.14 -37.84
C GLY C 235 -25.10 8.16 -38.01
N THR C 236 -24.40 8.77 -37.06
CA THR C 236 -22.94 8.84 -37.10
C THR C 236 -22.33 7.46 -36.99
N SER C 237 -21.59 7.06 -38.02
CA SER C 237 -20.96 5.74 -38.05
C SER C 237 -19.57 5.70 -37.44
N TYR C 238 -19.38 4.77 -36.50
CA TYR C 238 -18.11 4.58 -35.81
C TYR C 238 -17.62 3.17 -36.10
N LYS C 239 -16.30 3.01 -36.15
CA LYS C 239 -15.71 1.70 -36.35
C LYS C 239 -15.09 1.39 -35.01
N TYR C 240 -14.97 0.11 -34.67
CA TYR C 240 -14.39 -0.28 -33.39
C TYR C 240 -13.45 -1.48 -33.51
N GLY C 241 -12.66 -1.70 -32.45
CA GLY C 241 -11.70 -2.80 -32.43
C GLY C 241 -10.53 -2.37 -31.58
N SER C 242 -9.46 -3.17 -31.54
CA SER C 242 -8.30 -2.79 -30.73
C SER C 242 -7.55 -1.65 -31.42
N ILE C 243 -6.81 -0.88 -30.64
CA ILE C 243 -6.05 0.24 -31.21
C ILE C 243 -5.12 -0.18 -32.34
N ILE C 244 -4.27 -1.16 -32.07
CA ILE C 244 -3.30 -1.61 -33.06
C ILE C 244 -3.90 -2.17 -34.34
N THR C 245 -5.02 -2.88 -34.26
CA THR C 245 -5.64 -3.45 -35.46
C THR C 245 -6.56 -2.48 -36.17
N THR C 246 -6.94 -1.40 -35.49
CA THR C 246 -7.84 -0.43 -36.08
C THR C 246 -7.15 0.80 -36.65
N ILE C 247 -6.13 1.30 -35.95
CA ILE C 247 -5.38 2.47 -36.41
C ILE C 247 -3.96 2.10 -36.80
N TYR C 248 -3.17 1.76 -35.79
CA TYR C 248 -1.78 1.38 -35.97
C TYR C 248 -1.13 1.11 -34.63
N GLN C 249 0.08 0.58 -34.65
CA GLN C 249 0.81 0.30 -33.42
C GLN C 249 1.16 1.65 -32.80
N ALA C 250 0.81 1.82 -31.53
CA ALA C 250 1.10 3.06 -30.80
C ALA C 250 1.40 2.70 -29.35
N SER C 251 2.54 3.15 -28.86
CA SER C 251 2.95 2.84 -27.49
C SER C 251 2.75 3.98 -26.50
N GLY C 252 2.79 3.65 -25.22
CA GLY C 252 2.61 4.64 -24.17
C GLY C 252 1.22 5.24 -24.07
N GLY C 253 0.21 4.51 -24.53
CA GLY C 253 -1.16 5.00 -24.48
C GLY C 253 -1.87 4.85 -23.14
N SER C 254 -2.81 5.74 -22.86
CA SER C 254 -3.54 5.73 -21.59
C SER C 254 -4.34 4.47 -21.28
N ILE C 255 -5.12 3.98 -22.24
CA ILE C 255 -5.93 2.80 -21.95
C ILE C 255 -5.14 1.51 -21.88
N ASP C 256 -3.93 1.50 -22.44
CA ASP C 256 -3.10 0.30 -22.35
C ASP C 256 -2.61 0.25 -20.91
N TRP C 257 -2.26 1.41 -20.37
CA TRP C 257 -1.80 1.50 -18.99
C TRP C 257 -2.94 1.17 -18.02
N SER C 258 -4.11 1.77 -18.23
CA SER C 258 -5.24 1.55 -17.34
C SER C 258 -5.70 0.10 -17.35
N TYR C 259 -5.74 -0.51 -18.53
CA TYR C 259 -6.16 -1.91 -18.61
C TYR C 259 -5.16 -2.77 -17.85
N ASN C 260 -3.88 -2.44 -17.97
CA ASN C 260 -2.84 -3.22 -17.29
C ASN C 260 -2.86 -3.02 -15.77
N GLN C 261 -3.61 -2.04 -15.30
CA GLN C 261 -3.75 -1.78 -13.87
C GLN C 261 -4.90 -2.61 -13.31
N GLY C 262 -5.62 -3.27 -14.21
CA GLY C 262 -6.75 -4.09 -13.80
C GLY C 262 -8.08 -3.43 -14.04
N ILE C 263 -8.08 -2.30 -14.76
CA ILE C 263 -9.32 -1.59 -15.07
C ILE C 263 -9.84 -2.14 -16.39
N LYS C 264 -10.77 -3.09 -16.27
CA LYS C 264 -11.37 -3.81 -17.40
C LYS C 264 -11.99 -2.99 -18.52
N TYR C 265 -12.89 -2.10 -18.16
CA TYR C 265 -13.57 -1.31 -19.17
C TYR C 265 -12.80 -0.05 -19.55
N SER C 266 -11.71 -0.28 -20.30
CA SER C 266 -10.83 0.77 -20.77
C SER C 266 -11.07 0.95 -22.27
N PHE C 267 -11.53 2.14 -22.66
CA PHE C 267 -11.82 2.45 -24.04
C PHE C 267 -11.36 3.85 -24.40
N THR C 268 -11.03 4.06 -25.67
CA THR C 268 -10.66 5.39 -26.13
C THR C 268 -11.61 5.76 -27.26
N PHE C 269 -12.15 6.96 -27.19
CA PHE C 269 -13.06 7.47 -28.21
C PHE C 269 -12.34 8.49 -29.09
N GLU C 270 -12.53 8.39 -30.41
CA GLU C 270 -11.98 9.38 -31.34
C GLU C 270 -13.26 9.96 -31.91
N LEU C 271 -13.57 11.19 -31.52
CA LEU C 271 -14.81 11.81 -31.94
C LEU C 271 -14.98 12.24 -33.38
N ARG C 272 -16.12 12.87 -33.60
CA ARG C 272 -16.59 13.33 -34.88
C ARG C 272 -15.69 13.88 -35.93
N ASP C 273 -16.17 13.63 -37.16
CA ASP C 273 -15.54 14.03 -38.39
C ASP C 273 -14.50 13.01 -38.77
N THR C 274 -14.45 12.70 -40.06
CA THR C 274 -13.50 11.73 -40.55
C THR C 274 -12.45 12.43 -41.40
N GLY C 275 -12.46 13.76 -41.39
CA GLY C 275 -11.47 14.48 -42.17
C GLY C 275 -11.94 15.76 -42.84
N ARG C 276 -13.24 15.94 -42.99
CA ARG C 276 -13.76 17.15 -43.60
C ARG C 276 -13.22 18.39 -42.89
N TYR C 277 -13.43 18.46 -41.59
CA TYR C 277 -12.96 19.59 -40.78
C TYR C 277 -11.78 19.20 -39.89
N GLY C 278 -11.67 17.91 -39.62
CA GLY C 278 -10.58 17.44 -38.78
C GLY C 278 -10.64 18.03 -37.38
N PHE C 279 -9.51 18.59 -36.94
CA PHE C 279 -9.45 19.17 -35.60
C PHE C 279 -10.25 20.46 -35.49
N LEU C 280 -10.47 21.11 -36.64
CA LEU C 280 -11.22 22.35 -36.67
C LEU C 280 -12.71 22.12 -36.87
N LEU C 281 -13.30 21.24 -36.06
CA LEU C 281 -14.71 20.94 -36.15
C LEU C 281 -15.54 22.18 -35.79
N PRO C 282 -16.56 22.50 -36.60
CA PRO C 282 -17.43 23.66 -36.36
C PRO C 282 -18.15 23.58 -35.02
N ALA C 283 -18.29 24.71 -34.36
CA ALA C 283 -18.97 24.77 -33.07
C ALA C 283 -20.40 24.27 -33.16
N SER C 284 -20.99 24.36 -34.35
CA SER C 284 -22.36 23.92 -34.55
C SER C 284 -22.51 22.40 -34.40
N GLN C 285 -21.38 21.70 -34.34
CA GLN C 285 -21.40 20.24 -34.17
C GLN C 285 -21.09 19.82 -32.74
N ILE C 286 -20.77 20.80 -31.89
CA ILE C 286 -20.46 20.49 -30.50
C ILE C 286 -21.59 19.74 -29.78
N ILE C 287 -22.77 20.34 -29.71
CA ILE C 287 -23.88 19.69 -29.02
C ILE C 287 -24.29 18.34 -29.61
N PRO C 288 -24.43 18.23 -30.93
CA PRO C 288 -24.82 16.95 -31.54
C PRO C 288 -23.77 15.88 -31.26
N THR C 289 -22.51 16.26 -31.31
CA THR C 289 -21.41 15.33 -31.04
C THR C 289 -21.49 14.87 -29.59
N ALA C 290 -21.65 15.84 -28.69
CA ALA C 290 -21.74 15.55 -27.26
C ALA C 290 -22.92 14.62 -26.95
N GLN C 291 -24.08 14.94 -27.51
CA GLN C 291 -25.29 14.14 -27.29
C GLN C 291 -25.11 12.68 -27.69
N GLU C 292 -24.67 12.44 -28.93
CA GLU C 292 -24.47 11.08 -29.42
C GLU C 292 -23.36 10.36 -28.68
N THR C 293 -22.29 11.08 -28.36
CA THR C 293 -21.18 10.45 -27.66
C THR C 293 -21.64 10.01 -26.27
N TRP C 294 -22.51 10.81 -25.65
CA TRP C 294 -23.03 10.47 -24.33
C TRP C 294 -23.73 9.11 -24.35
N LEU C 295 -24.52 8.84 -25.37
CA LEU C 295 -25.22 7.57 -25.47
C LEU C 295 -24.21 6.41 -25.48
N GLY C 296 -23.09 6.62 -26.16
CA GLY C 296 -22.06 5.60 -26.23
C GLY C 296 -21.39 5.41 -24.88
N VAL C 297 -21.10 6.52 -24.22
CA VAL C 297 -20.47 6.49 -22.90
C VAL C 297 -21.41 5.85 -21.89
N LEU C 298 -22.66 6.29 -21.88
CA LEU C 298 -23.64 5.73 -20.95
C LEU C 298 -23.72 4.23 -21.11
N THR C 299 -23.66 3.75 -22.35
CA THR C 299 -23.72 2.32 -22.64
C THR C 299 -22.60 1.57 -21.92
N ILE C 300 -21.39 2.11 -21.99
CA ILE C 300 -20.24 1.47 -21.32
C ILE C 300 -20.45 1.47 -19.81
N MET C 301 -20.89 2.59 -19.27
CA MET C 301 -21.15 2.70 -17.84
C MET C 301 -22.15 1.67 -17.38
N GLU C 302 -23.18 1.42 -18.18
CA GLU C 302 -24.20 0.45 -17.85
C GLU C 302 -23.61 -0.95 -17.72
N HIS C 303 -22.68 -1.27 -18.61
CA HIS C 303 -22.02 -2.59 -18.58
C HIS C 303 -21.08 -2.68 -17.39
N THR C 304 -20.54 -1.53 -17.00
CA THR C 304 -19.60 -1.45 -15.89
C THR C 304 -20.31 -1.65 -14.54
N VAL C 305 -21.46 -1.00 -14.38
CA VAL C 305 -22.21 -1.10 -13.13
C VAL C 305 -22.86 -2.47 -12.95
N ASN C 306 -23.36 -3.05 -14.03
CA ASN C 306 -23.99 -4.37 -13.98
C ASN C 306 -22.96 -5.48 -14.19
N ASN C 307 -22.63 -6.17 -13.10
CA ASN C 307 -21.68 -7.28 -13.11
C ASN C 307 -20.26 -6.76 -12.98
ZN ZN D . 3.80 -22.93 -2.01
CAH BHK E . 8.55 -28.29 -2.52
CAI BHK E . 9.47 -28.72 -1.58
CAJ BHK E . 9.09 -29.65 -0.61
CAK BHK E . 7.78 -30.14 -0.59
CAL BHK E . 6.87 -29.71 -1.55
CAG BHK E . 7.25 -28.78 -2.52
CAD BHK E . 6.25 -28.34 -3.58
CAB BHK E . 5.98 -26.84 -3.56
CAC BHK E . 7.22 -26.08 -4.02
OAN BHK E . 7.65 -25.18 -3.27
OAM BHK E . 7.72 -26.42 -5.12
CAA BHK E . 4.83 -26.55 -4.54
CAE BHK E . 4.44 -25.06 -4.54
OAO BHK E . 3.87 -24.56 -3.57
CAF BHK E . 4.74 -24.21 -5.77
OAP BHK E . 3.74 -23.21 -5.96
ZN ZN F . 7.74 4.30 15.17
CAH BHK G . 4.27 4.90 9.13
CAI BHK G . 3.47 5.99 8.84
CAJ BHK G . 4.05 7.19 8.42
CAK BHK G . 5.43 7.28 8.31
CAL BHK G . 6.23 6.18 8.59
CAG BHK G . 5.65 4.99 9.01
CAD BHK G . 6.55 3.78 9.31
CAB BHK G . 6.57 3.44 10.81
CAC BHK G . 5.22 2.86 11.20
OAN BHK G . 4.66 3.34 12.22
OAM BHK G . 4.76 1.95 10.48
CAA BHK G . 7.66 2.40 11.07
CAE BHK G . 7.79 2.13 12.57
OAO BHK G . 8.06 3.03 13.35
CAF BHK G . 7.57 0.70 13.09
OAP BHK G . 8.53 0.39 14.11
ZN ZN H . -5.88 12.68 -29.36
CAH BHK I . -1.42 7.08 -29.75
CAI BHK I . -0.67 6.56 -28.69
CAJ BHK I . -1.22 5.61 -27.84
CAK BHK I . -2.53 5.18 -28.03
CAL BHK I . -3.28 5.70 -29.08
CAG BHK I . -2.73 6.64 -29.94
CAD BHK I . -3.57 7.20 -31.10
CAB BHK I . -3.80 8.71 -31.00
CAC BHK I . -2.48 9.44 -31.28
OAN BHK I . -2.19 10.40 -30.54
OAM BHK I . -1.80 9.03 -32.25
CAA BHK I . -4.84 9.12 -32.04
CAE BHK I . -5.17 10.62 -31.92
OAO BHK I . -5.86 11.03 -30.99
CAF BHK I . -4.66 11.59 -33.00
OAP BHK I . -5.63 12.61 -33.26
#